data_6JC4
#
_entry.id   6JC4
#
_cell.length_a   121.886
_cell.length_b   121.886
_cell.length_c   63.578
_cell.angle_alpha   90.00
_cell.angle_beta   90.00
_cell.angle_gamma   90.00
#
_symmetry.space_group_name_H-M   'P 4'
#
loop_
_entity.id
_entity.type
_entity.pdbx_description
1 polymer 'Urease accessory protein UreF'
2 water water
#
_entity_poly.entity_id   1
_entity_poly.type   'polypeptide(L)'
_entity_poly.pdbx_seq_one_letter_code
;MASCRSSRKPALTPARATVIIMLIMTTTLTATSMSTAEQRLRLMQLASSNLPVGGYSWSQGLEWAVEAGWVPDVAAFERW
QRRQMTEGFFTVDLPLFARLYRACEQGDIAAAQRWTAYLLACRETRELREEERNRGAAFARLLSDWQPDCPPPWRSLCQQ
SQLAGMAWLGVRWRIALPEMALSLGYSWIESAVMAGVKLVPFGQQAAQQLILRLCDHYAAEMPRALAAPDGDIGSATPLA
AIASARHETQYSRLFRS
;
_entity_poly.pdbx_strand_id   A,B,C,D
#
# COMPACT_ATOMS: atom_id res chain seq x y z
N MET A 34 -9.36 24.89 -6.17
CA MET A 34 -9.58 26.36 -6.08
C MET A 34 -8.75 27.02 -4.97
N SER A 35 -7.88 26.26 -4.27
CA SER A 35 -6.88 26.78 -3.31
C SER A 35 -5.98 27.84 -3.99
N THR A 36 -5.85 29.04 -3.44
CA THR A 36 -4.84 30.04 -3.87
C THR A 36 -3.43 29.55 -3.48
N ALA A 37 -2.41 30.22 -4.01
CA ALA A 37 -1.00 30.09 -3.59
C ALA A 37 -0.88 30.36 -2.08
N GLU A 38 -1.50 31.41 -1.55
CA GLU A 38 -1.50 31.72 -0.09
C GLU A 38 -2.05 30.53 0.70
N GLN A 39 -3.20 29.99 0.26
CA GLN A 39 -3.83 28.84 0.96
C GLN A 39 -2.90 27.62 0.91
N ARG A 40 -2.20 27.40 -0.19
CA ARG A 40 -1.27 26.24 -0.32
C ARG A 40 -0.12 26.39 0.68
N LEU A 41 0.44 27.59 0.81
CA LEU A 41 1.54 27.85 1.78
C LEU A 41 0.98 27.67 3.20
N ARG A 42 -0.24 28.12 3.50
CA ARG A 42 -0.85 27.98 4.85
C ARG A 42 -0.99 26.48 5.16
N LEU A 43 -1.41 25.66 4.20
CA LEU A 43 -1.54 24.19 4.41
C LEU A 43 -0.16 23.56 4.73
N MET A 44 0.92 23.98 4.09
CA MET A 44 2.28 23.43 4.36
C MET A 44 2.78 23.88 5.75
N GLN A 45 2.39 25.08 6.19
CA GLN A 45 2.66 25.65 7.55
C GLN A 45 1.87 24.84 8.58
N LEU A 46 0.62 24.49 8.31
CA LEU A 46 -0.19 23.66 9.26
C LEU A 46 0.35 22.22 9.31
N ALA A 47 0.95 21.73 8.22
CA ALA A 47 1.48 20.35 8.12
C ALA A 47 2.86 20.21 8.78
N SER A 48 3.57 21.30 9.05
CA SER A 48 5.02 21.30 9.36
C SER A 48 5.29 20.60 10.69
N SER A 49 6.33 19.77 10.73
CA SER A 49 6.89 19.20 11.98
C SER A 49 7.42 20.32 12.88
N ASN A 50 7.64 21.52 12.35
CA ASN A 50 8.14 22.67 13.14
C ASN A 50 6.97 23.40 13.85
N LEU A 51 5.71 23.07 13.57
CA LEU A 51 4.56 23.73 14.28
C LEU A 51 4.75 23.49 15.77
N PRO A 52 4.82 24.53 16.63
CA PRO A 52 5.21 24.34 18.04
C PRO A 52 4.02 23.86 18.89
N VAL A 53 3.58 22.64 18.61
CA VAL A 53 2.55 21.85 19.31
C VAL A 53 3.24 20.51 19.55
N GLY A 54 3.36 20.05 20.80
CA GLY A 54 4.14 18.83 21.11
C GLY A 54 3.38 17.52 20.98
N GLY A 55 3.95 16.55 20.26
CA GLY A 55 3.48 15.15 20.21
C GLY A 55 2.42 14.93 19.13
N TYR A 56 1.68 13.82 19.20
CA TYR A 56 0.65 13.43 18.19
C TYR A 56 -0.19 12.32 18.83
N SER A 57 -1.47 12.23 18.46
CA SER A 57 -2.45 11.20 18.91
C SER A 57 -1.91 9.80 18.56
N TRP A 58 -2.30 8.80 19.35
CA TRP A 58 -2.02 7.34 19.17
C TRP A 58 -0.53 7.04 19.36
N SER A 59 0.27 8.03 19.81
CA SER A 59 1.75 7.98 19.93
C SER A 59 2.15 6.94 20.98
N GLN A 60 1.40 6.85 22.09
CA GLN A 60 1.69 6.01 23.29
C GLN A 60 1.74 4.53 22.88
N GLY A 61 0.97 4.13 21.87
CA GLY A 61 1.08 2.77 21.34
C GLY A 61 2.55 2.38 21.13
N LEU A 62 3.35 3.26 20.50
CA LEU A 62 4.65 2.92 19.88
C LEU A 62 5.66 2.51 20.94
N GLU A 63 5.84 3.31 22.01
CA GLU A 63 6.87 3.02 23.04
C GLU A 63 6.61 1.64 23.62
N TRP A 64 5.36 1.34 23.97
CA TRP A 64 4.92 0.02 24.51
C TRP A 64 5.27 -1.06 23.49
N ALA A 65 4.88 -0.87 22.22
CA ALA A 65 5.02 -1.87 21.14
C ALA A 65 6.51 -2.16 20.92
N VAL A 66 7.38 -1.13 21.02
CA VAL A 66 8.85 -1.28 20.86
C VAL A 66 9.39 -2.13 22.01
N GLU A 67 9.14 -1.70 23.25
CA GLU A 67 9.54 -2.38 24.51
C GLU A 67 9.02 -3.83 24.51
N ALA A 68 7.83 -4.06 23.97
CA ALA A 68 7.18 -5.40 23.99
C ALA A 68 7.79 -6.32 22.93
N GLY A 69 8.50 -5.78 21.94
CA GLY A 69 9.16 -6.59 20.89
C GLY A 69 8.38 -6.63 19.58
N TRP A 70 7.37 -5.78 19.40
CA TRP A 70 6.42 -5.84 18.25
C TRP A 70 6.98 -5.06 17.06
N VAL A 71 7.89 -4.11 17.29
CA VAL A 71 8.39 -3.18 16.24
C VAL A 71 9.92 -3.21 16.17
N PRO A 72 10.51 -4.33 15.71
CA PRO A 72 11.96 -4.41 15.56
C PRO A 72 12.61 -3.61 14.43
N ASP A 73 11.83 -3.25 13.40
CA ASP A 73 12.36 -2.78 12.09
C ASP A 73 11.29 -2.00 11.33
N VAL A 74 11.67 -1.49 10.16
CA VAL A 74 10.85 -0.58 9.32
C VAL A 74 9.54 -1.30 8.94
N ALA A 75 9.61 -2.55 8.50
CA ALA A 75 8.45 -3.33 8.06
C ALA A 75 7.44 -3.45 9.21
N ALA A 76 7.89 -3.82 10.40
CA ALA A 76 7.01 -3.96 11.58
C ALA A 76 6.46 -2.58 11.99
N PHE A 77 7.25 -1.52 11.85
CA PHE A 77 6.75 -0.17 12.21
C PHE A 77 5.63 0.22 11.22
N GLU A 78 5.81 -0.06 9.93
CA GLU A 78 4.80 0.23 8.89
C GLU A 78 3.49 -0.51 9.19
N ARG A 79 3.55 -1.80 9.55
CA ARG A 79 2.35 -2.59 9.90
C ARG A 79 1.66 -1.89 11.08
N TRP A 80 2.43 -1.56 12.11
CA TRP A 80 1.91 -0.92 13.33
C TRP A 80 1.25 0.43 13.00
N GLN A 81 1.87 1.24 12.15
CA GLN A 81 1.35 2.59 11.85
C GLN A 81 0.13 2.50 10.92
N ARG A 82 0.12 1.57 9.94
CA ARG A 82 -1.07 1.35 9.08
C ARG A 82 -2.27 1.03 9.96
N ARG A 83 -2.07 0.20 10.99
CA ARG A 83 -3.14 -0.21 11.93
C ARG A 83 -3.60 1.01 12.74
N GLN A 84 -2.68 1.81 13.27
CA GLN A 84 -3.08 3.05 14.00
C GLN A 84 -3.84 3.98 13.04
N MET A 85 -3.43 4.12 11.78
CA MET A 85 -4.05 5.08 10.81
C MET A 85 -5.50 4.67 10.53
N THR A 86 -5.77 3.37 10.35
CA THR A 86 -7.09 2.80 9.94
C THR A 86 -7.99 2.58 11.16
N GLU A 87 -7.45 2.13 12.29
CA GLU A 87 -8.26 1.80 13.50
C GLU A 87 -8.42 3.00 14.44
N GLY A 88 -7.54 4.00 14.37
CA GLY A 88 -7.59 5.18 15.24
C GLY A 88 -7.86 6.45 14.48
N PHE A 89 -6.93 6.90 13.63
CA PHE A 89 -6.98 8.23 12.98
C PHE A 89 -8.20 8.34 12.06
N PHE A 90 -8.53 7.27 11.34
CA PHE A 90 -9.61 7.26 10.32
C PHE A 90 -10.97 6.95 10.95
N THR A 91 -11.01 6.43 12.18
CA THR A 91 -12.27 6.12 12.88
C THR A 91 -12.55 7.21 13.91
N VAL A 92 -11.57 8.01 14.33
CA VAL A 92 -11.79 9.03 15.42
C VAL A 92 -11.41 10.42 14.92
N ASP A 93 -10.13 10.72 14.85
CA ASP A 93 -9.59 12.07 14.52
C ASP A 93 -10.25 12.61 13.25
N LEU A 94 -10.19 11.91 12.11
CA LEU A 94 -10.57 12.56 10.81
C LEU A 94 -12.08 12.77 10.77
N PRO A 95 -12.93 11.76 11.12
CA PRO A 95 -14.39 11.95 11.09
C PRO A 95 -14.87 13.05 12.04
N LEU A 96 -14.26 13.16 13.20
CA LEU A 96 -14.64 14.23 14.17
C LEU A 96 -14.11 15.58 13.67
N PHE A 97 -12.95 15.61 13.02
CA PHE A 97 -12.45 16.84 12.38
C PHE A 97 -13.45 17.29 11.29
N ALA A 98 -13.94 16.37 10.48
CA ALA A 98 -14.97 16.69 9.46
C ALA A 98 -16.22 17.32 10.13
N ARG A 99 -16.66 16.77 11.25
CA ARG A 99 -17.90 17.24 11.93
C ARG A 99 -17.64 18.62 12.55
N LEU A 100 -16.44 18.84 13.09
CA LEU A 100 -16.10 20.16 13.67
C LEU A 100 -16.05 21.19 12.54
N TYR A 101 -15.52 20.83 11.37
CA TYR A 101 -15.41 21.75 10.21
C TYR A 101 -16.83 22.15 9.75
N ARG A 102 -17.73 21.17 9.59
CA ARG A 102 -19.14 21.37 9.17
C ARG A 102 -19.87 22.24 10.21
N ALA A 103 -19.65 21.97 11.49
CA ALA A 103 -20.24 22.78 12.59
C ALA A 103 -19.79 24.25 12.44
N CYS A 104 -18.50 24.48 12.22
CA CYS A 104 -17.95 25.85 12.14
C CYS A 104 -18.52 26.56 10.90
N GLU A 105 -18.63 25.86 9.77
CA GLU A 105 -19.23 26.37 8.52
C GLU A 105 -20.65 26.89 8.79
N GLN A 106 -21.44 26.15 9.58
CA GLN A 106 -22.84 26.49 9.94
C GLN A 106 -22.90 27.54 11.08
N GLY A 107 -21.78 27.92 11.71
CA GLY A 107 -21.78 28.81 12.89
C GLY A 107 -22.42 28.14 14.11
N ASP A 108 -22.40 26.80 14.14
CA ASP A 108 -23.04 25.97 15.18
C ASP A 108 -21.98 25.56 16.22
N ILE A 109 -21.75 26.45 17.20
CA ILE A 109 -20.79 26.30 18.33
C ILE A 109 -21.27 25.17 19.25
N ALA A 110 -22.57 25.07 19.55
CA ALA A 110 -23.15 24.02 20.43
C ALA A 110 -22.85 22.65 19.83
N ALA A 111 -23.03 22.48 18.51
CA ALA A 111 -22.67 21.23 17.81
C ALA A 111 -21.18 20.95 17.93
N ALA A 112 -20.35 21.98 17.75
CA ALA A 112 -18.88 21.82 17.82
C ALA A 112 -18.48 21.42 19.24
N GLN A 113 -19.18 21.95 20.25
CA GLN A 113 -18.94 21.60 21.67
C GLN A 113 -19.28 20.12 21.87
N ARG A 114 -20.40 19.64 21.34
CA ARG A 114 -20.86 18.24 21.50
C ARG A 114 -19.86 17.30 20.80
N TRP A 115 -19.45 17.60 19.58
CA TRP A 115 -18.44 16.78 18.84
C TRP A 115 -17.09 16.78 19.59
N THR A 116 -16.69 17.88 20.21
CA THR A 116 -15.40 17.94 20.94
C THR A 116 -15.49 17.05 22.18
N ALA A 117 -16.62 17.07 22.87
CA ALA A 117 -16.90 16.18 24.01
C ALA A 117 -16.77 14.73 23.58
N TYR A 118 -17.34 14.36 22.44
CA TYR A 118 -17.29 12.95 21.97
C TYR A 118 -15.83 12.60 21.68
N LEU A 119 -15.08 13.51 21.09
CA LEU A 119 -13.63 13.31 20.76
C LEU A 119 -12.91 12.95 22.06
N LEU A 120 -13.10 13.72 23.12
CA LEU A 120 -12.36 13.49 24.40
C LEU A 120 -12.77 12.14 24.98
N ALA A 121 -14.05 11.77 24.95
CA ALA A 121 -14.53 10.45 25.42
C ALA A 121 -13.89 9.33 24.56
N CYS A 122 -13.65 9.57 23.28
CA CYS A 122 -13.00 8.57 22.39
C CYS A 122 -11.51 8.39 22.71
N ARG A 123 -10.87 9.35 23.40
CA ARG A 123 -9.46 9.19 23.86
C ARG A 123 -9.33 8.17 25.00
N GLU A 124 -10.41 7.84 25.71
CA GLU A 124 -10.47 6.64 26.60
C GLU A 124 -9.80 6.96 27.96
N THR A 125 -8.46 7.06 28.03
CA THR A 125 -7.77 7.26 29.33
C THR A 125 -7.80 8.74 29.73
N ARG A 126 -7.69 9.03 31.02
CA ARG A 126 -7.37 10.36 31.61
C ARG A 126 -6.12 10.95 30.93
N GLU A 127 -5.02 10.18 30.85
CA GLU A 127 -3.70 10.63 30.35
C GLU A 127 -3.84 11.13 28.89
N LEU A 128 -4.60 10.41 28.05
CA LEU A 128 -4.74 10.72 26.60
C LEU A 128 -5.70 11.90 26.39
N ARG A 129 -6.69 12.09 27.27
CA ARG A 129 -7.56 13.29 27.30
C ARG A 129 -6.71 14.53 27.63
N GLU A 130 -5.81 14.42 28.59
CA GLU A 130 -4.90 15.51 29.02
C GLU A 130 -3.93 15.83 27.87
N GLU A 131 -3.43 14.81 27.16
CA GLU A 131 -2.51 15.04 26.03
C GLU A 131 -3.27 15.83 24.94
N GLU A 132 -4.53 15.47 24.68
CA GLU A 132 -5.40 16.16 23.68
C GLU A 132 -5.55 17.62 24.09
N ARG A 133 -5.85 17.88 25.36
CA ARG A 133 -6.09 19.25 25.88
C ARG A 133 -4.79 20.06 25.84
N ASN A 134 -3.64 19.47 26.17
CA ASN A 134 -2.32 20.15 26.16
C ASN A 134 -2.00 20.57 24.73
N ARG A 135 -2.23 19.70 23.75
CA ARG A 135 -1.98 20.01 22.33
C ARG A 135 -2.95 21.13 21.90
N GLY A 136 -4.19 21.09 22.37
CA GLY A 136 -5.21 22.12 22.11
C GLY A 136 -4.76 23.48 22.62
N ALA A 137 -4.29 23.56 23.85
CA ALA A 137 -3.79 24.81 24.48
C ALA A 137 -2.59 25.35 23.70
N ALA A 138 -1.67 24.49 23.30
CA ALA A 138 -0.48 24.87 22.50
C ALA A 138 -0.96 25.48 21.17
N PHE A 139 -1.91 24.85 20.50
CA PHE A 139 -2.41 25.34 19.19
C PHE A 139 -3.20 26.64 19.36
N ALA A 140 -3.97 26.79 20.44
CA ALA A 140 -4.76 28.00 20.77
C ALA A 140 -3.86 29.23 20.92
N ARG A 141 -2.68 29.09 21.48
CA ARG A 141 -1.70 30.22 21.57
C ARG A 141 -1.41 30.74 20.16
N LEU A 142 -1.24 29.85 19.15
CA LEU A 142 -0.93 30.25 17.76
C LEU A 142 -2.20 30.81 17.11
N LEU A 143 -3.32 30.09 17.25
CA LEU A 143 -4.63 30.42 16.64
C LEU A 143 -4.96 31.87 16.98
N SER A 144 -4.89 32.25 18.25
CA SER A 144 -5.30 33.61 18.69
C SER A 144 -4.28 34.65 18.22
N ASP A 145 -3.02 34.27 18.03
CA ASP A 145 -1.96 35.15 17.46
C ASP A 145 -2.25 35.38 15.97
N TRP A 146 -2.54 34.31 15.22
CA TRP A 146 -2.80 34.40 13.75
C TRP A 146 -4.13 35.13 13.48
N GLN A 147 -5.16 34.84 14.28
CA GLN A 147 -6.53 35.39 14.09
C GLN A 147 -7.05 35.86 15.44
N PRO A 148 -6.69 37.08 15.90
CA PRO A 148 -7.22 37.66 17.14
C PRO A 148 -8.75 37.77 17.09
N ASP A 149 -9.29 37.86 15.87
CA ASP A 149 -10.73 37.75 15.58
C ASP A 149 -11.38 36.46 16.13
N CYS A 150 -10.66 35.39 16.53
CA CYS A 150 -11.26 34.12 17.01
C CYS A 150 -12.12 34.39 18.24
N PRO A 151 -13.45 34.17 18.20
CA PRO A 151 -14.32 34.48 19.32
C PRO A 151 -14.00 33.62 20.54
N PRO A 152 -14.22 34.13 21.77
CA PRO A 152 -13.89 33.39 22.99
C PRO A 152 -14.44 31.96 23.03
N PRO A 153 -15.70 31.67 22.63
CA PRO A 153 -16.22 30.29 22.67
C PRO A 153 -15.38 29.31 21.85
N TRP A 154 -14.89 29.75 20.69
CA TRP A 154 -14.04 28.92 19.80
C TRP A 154 -12.63 28.79 20.39
N ARG A 155 -12.04 29.86 20.94
CA ARG A 155 -10.73 29.78 21.66
C ARG A 155 -10.86 28.73 22.76
N SER A 156 -11.93 28.82 23.54
CA SER A 156 -12.24 27.88 24.65
C SER A 156 -12.33 26.44 24.09
N LEU A 157 -13.04 26.25 22.99
CA LEU A 157 -13.13 24.91 22.36
C LEU A 157 -11.75 24.45 21.86
N CYS A 158 -10.93 25.34 21.27
CA CYS A 158 -9.57 24.98 20.79
C CYS A 158 -8.72 24.41 21.92
N GLN A 159 -8.92 24.89 23.15
CA GLN A 159 -8.11 24.41 24.31
C GLN A 159 -8.47 22.97 24.69
N GLN A 160 -9.63 22.47 24.24
CA GLN A 160 -10.05 21.05 24.40
C GLN A 160 -9.30 20.21 23.38
N SER A 161 -9.16 20.69 22.14
CA SER A 161 -8.55 19.94 21.02
C SER A 161 -8.08 20.88 19.91
N GLN A 162 -6.85 20.66 19.49
CA GLN A 162 -6.22 21.15 18.24
C GLN A 162 -7.18 20.95 17.07
N LEU A 163 -7.98 19.87 17.06
CA LEU A 163 -8.87 19.59 15.91
C LEU A 163 -9.91 20.71 15.79
N ALA A 164 -10.46 21.20 16.90
CA ALA A 164 -11.48 22.27 16.89
C ALA A 164 -10.84 23.57 16.43
N GLY A 165 -9.64 23.88 16.94
CA GLY A 165 -8.85 25.05 16.48
C GLY A 165 -8.54 24.97 14.97
N MET A 166 -8.05 23.84 14.48
CA MET A 166 -7.72 23.61 13.05
C MET A 166 -8.97 23.88 12.18
N ALA A 167 -10.10 23.31 12.59
CA ALA A 167 -11.46 23.37 11.96
C ALA A 167 -11.92 24.81 11.87
N TRP A 168 -11.75 25.58 12.93
CA TRP A 168 -12.16 27.01 12.91
C TRP A 168 -11.25 27.76 11.91
N LEU A 169 -9.95 27.47 11.98
CA LEU A 169 -8.94 28.17 11.16
C LEU A 169 -9.14 27.83 9.67
N GLY A 170 -9.43 26.57 9.37
CA GLY A 170 -9.76 26.10 8.00
C GLY A 170 -10.92 26.87 7.44
N VAL A 171 -12.01 26.98 8.19
CA VAL A 171 -13.19 27.75 7.71
C VAL A 171 -12.81 29.22 7.60
N ARG A 172 -12.11 29.78 8.58
CA ARG A 172 -11.73 31.22 8.59
C ARG A 172 -10.87 31.51 7.36
N TRP A 173 -10.00 30.58 6.97
CA TRP A 173 -9.06 30.76 5.83
C TRP A 173 -9.69 30.32 4.50
N ARG A 174 -10.91 29.77 4.54
CA ARG A 174 -11.71 29.38 3.35
C ARG A 174 -10.98 28.24 2.62
N ILE A 175 -10.36 27.34 3.36
CA ILE A 175 -9.70 26.13 2.82
C ILE A 175 -10.72 24.98 2.87
N ALA A 176 -10.92 24.28 1.74
CA ALA A 176 -11.81 23.10 1.65
C ALA A 176 -11.39 22.03 2.68
N LEU A 177 -12.37 21.32 3.22
CA LEU A 177 -12.17 20.26 4.24
C LEU A 177 -11.17 19.20 3.75
N PRO A 178 -11.28 18.68 2.50
CA PRO A 178 -10.36 17.64 2.03
C PRO A 178 -8.91 18.12 1.97
N GLU A 179 -8.68 19.39 1.62
CA GLU A 179 -7.32 20.01 1.69
C GLU A 179 -6.80 19.99 3.13
N MET A 180 -7.53 20.54 4.10
CA MET A 180 -7.09 20.61 5.52
C MET A 180 -6.71 19.19 6.00
N ALA A 181 -7.52 18.21 5.61
CA ALA A 181 -7.45 16.77 5.96
C ALA A 181 -6.16 16.13 5.43
N LEU A 182 -5.66 16.53 4.27
CA LEU A 182 -4.34 16.06 3.75
C LEU A 182 -3.22 16.65 4.61
N SER A 183 -3.32 17.92 4.95
CA SER A 183 -2.33 18.61 5.79
C SER A 183 -2.27 17.95 7.20
N LEU A 184 -3.42 17.66 7.79
CA LEU A 184 -3.58 17.01 9.11
C LEU A 184 -2.96 15.62 9.05
N GLY A 185 -3.27 14.86 8.01
CA GLY A 185 -2.80 13.47 7.86
C GLY A 185 -1.30 13.43 7.63
N TYR A 186 -0.79 14.30 6.77
CA TYR A 186 0.66 14.39 6.48
C TYR A 186 1.40 14.68 7.81
N SER A 187 0.98 15.70 8.56
CA SER A 187 1.54 16.04 9.89
C SER A 187 1.55 14.82 10.82
N TRP A 188 0.45 14.08 10.90
CA TRP A 188 0.33 12.91 11.78
C TRP A 188 1.29 11.80 11.30
N ILE A 189 1.32 11.54 10.01
CA ILE A 189 2.21 10.51 9.40
C ILE A 189 3.66 10.88 9.71
N GLU A 190 4.05 12.11 9.40
CA GLU A 190 5.45 12.54 9.57
C GLU A 190 5.82 12.50 11.05
N SER A 191 4.95 12.91 11.97
CA SER A 191 5.24 12.86 13.43
C SER A 191 5.49 11.41 13.85
N ALA A 192 4.65 10.48 13.39
CA ALA A 192 4.76 9.05 13.76
C ALA A 192 6.08 8.49 13.25
N VAL A 193 6.48 8.85 12.03
CA VAL A 193 7.72 8.34 11.40
C VAL A 193 8.95 8.92 12.13
N MET A 194 8.97 10.20 12.46
CA MET A 194 10.15 10.86 13.11
C MET A 194 10.36 10.32 14.53
N ALA A 195 9.28 9.89 15.20
CA ALA A 195 9.26 9.18 16.51
C ALA A 195 9.81 7.76 16.31
N GLY A 196 9.38 7.06 15.26
CA GLY A 196 9.92 5.73 14.89
C GLY A 196 11.42 5.78 14.64
N VAL A 197 11.90 6.82 13.94
CA VAL A 197 13.36 7.06 13.70
C VAL A 197 14.08 6.92 15.04
N LYS A 198 13.56 7.55 16.10
CA LYS A 198 14.24 7.62 17.41
C LYS A 198 14.02 6.29 18.15
N LEU A 199 12.82 5.72 18.14
CA LEU A 199 12.46 4.65 19.09
C LEU A 199 12.83 3.26 18.54
N VAL A 200 12.73 3.04 17.23
CA VAL A 200 12.84 1.65 16.71
C VAL A 200 14.27 1.12 16.84
N PRO A 201 15.35 1.82 16.42
CA PRO A 201 15.30 2.99 15.53
C PRO A 201 15.39 2.58 14.05
N PHE A 202 15.35 3.56 13.13
CA PHE A 202 15.73 3.38 11.72
C PHE A 202 16.26 4.73 11.20
N GLY A 203 16.76 4.75 9.97
CA GLY A 203 17.50 5.90 9.43
C GLY A 203 16.64 6.80 8.58
N GLN A 204 17.23 7.94 8.20
CA GLN A 204 16.58 9.06 7.48
C GLN A 204 16.11 8.60 6.10
N GLN A 205 16.91 7.81 5.38
CA GLN A 205 16.58 7.35 4.01
C GLN A 205 15.36 6.43 4.08
N ALA A 206 15.39 5.46 5.00
CA ALA A 206 14.27 4.51 5.21
C ALA A 206 13.02 5.30 5.62
N ALA A 207 13.17 6.34 6.44
CA ALA A 207 12.03 7.18 6.91
C ALA A 207 11.34 7.81 5.69
N GLN A 208 12.09 8.35 4.75
CA GLN A 208 11.51 9.04 3.56
C GLN A 208 10.70 8.04 2.74
N GLN A 209 11.17 6.81 2.58
CA GLN A 209 10.41 5.79 1.80
C GLN A 209 9.11 5.43 2.54
N LEU A 210 9.18 5.29 3.85
CA LEU A 210 8.02 4.98 4.72
C LEU A 210 6.94 6.08 4.60
N ILE A 211 7.34 7.35 4.69
CA ILE A 211 6.40 8.50 4.59
C ILE A 211 5.69 8.40 3.23
N LEU A 212 6.41 8.12 2.17
CA LEU A 212 5.85 7.95 0.79
C LEU A 212 4.76 6.88 0.83
N ARG A 213 5.06 5.67 1.31
CA ARG A 213 4.11 4.54 1.31
C ARG A 213 2.93 4.87 2.23
N LEU A 214 3.15 5.48 3.40
CA LEU A 214 2.05 5.76 4.35
C LEU A 214 1.15 6.87 3.76
N CYS A 215 1.74 7.84 3.04
CA CYS A 215 0.96 8.90 2.34
C CYS A 215 0.06 8.30 1.25
N ASP A 216 0.57 7.33 0.50
CA ASP A 216 -0.26 6.64 -0.54
C ASP A 216 -1.46 5.96 0.12
N HIS A 217 -1.26 5.26 1.24
CA HIS A 217 -2.34 4.58 1.99
C HIS A 217 -3.33 5.64 2.50
N TYR A 218 -2.81 6.73 3.05
CA TYR A 218 -3.64 7.84 3.54
C TYR A 218 -4.51 8.41 2.40
N ALA A 219 -3.94 8.70 1.24
CA ALA A 219 -4.68 9.25 0.07
C ALA A 219 -5.79 8.28 -0.37
N ALA A 220 -5.53 6.97 -0.43
CA ALA A 220 -6.53 5.96 -0.88
C ALA A 220 -7.70 5.87 0.10
N GLU A 221 -7.43 6.02 1.40
CA GLU A 221 -8.41 5.73 2.47
C GLU A 221 -9.10 7.01 2.98
N MET A 222 -8.56 8.20 2.76
CA MET A 222 -9.13 9.42 3.37
C MET A 222 -10.61 9.63 2.99
N PRO A 223 -10.99 9.56 1.69
CA PRO A 223 -12.35 9.93 1.24
C PRO A 223 -13.46 9.08 1.87
N ARG A 224 -13.24 7.78 2.01
CA ARG A 224 -14.13 6.87 2.74
C ARG A 224 -14.23 7.32 4.19
N ALA A 225 -13.10 7.61 4.85
CA ALA A 225 -13.07 8.10 6.26
C ALA A 225 -13.85 9.41 6.38
N LEU A 226 -13.72 10.35 5.43
CA LEU A 226 -14.46 11.65 5.46
C LEU A 226 -15.96 11.44 5.22
N ALA A 227 -16.35 10.37 4.53
CA ALA A 227 -17.76 10.12 4.18
C ALA A 227 -18.46 9.24 5.23
N ALA A 228 -17.74 8.64 6.18
CA ALA A 228 -18.32 7.60 7.07
C ALA A 228 -19.49 8.19 7.85
N PRO A 229 -20.58 7.41 8.09
CA PRO A 229 -21.71 7.89 8.90
C PRO A 229 -21.35 7.94 10.40
N ASP A 230 -22.15 8.69 11.19
CA ASP A 230 -21.94 8.90 12.65
C ASP A 230 -21.77 7.56 13.38
N GLY A 231 -22.52 6.53 12.99
CA GLY A 231 -22.49 5.19 13.62
C GLY A 231 -21.13 4.51 13.54
N ASP A 232 -20.25 4.95 12.63
CA ASP A 232 -18.93 4.31 12.38
C ASP A 232 -17.81 4.96 13.20
N ILE A 233 -18.07 6.04 13.94
CA ILE A 233 -17.03 6.73 14.77
C ILE A 233 -16.79 5.88 16.03
N MET B 34 -13.68 -4.75 -15.22
CA MET B 34 -13.82 -6.01 -14.43
C MET B 34 -13.68 -5.69 -12.94
N SER B 35 -14.67 -6.07 -12.13
CA SER B 35 -14.81 -5.76 -10.69
C SER B 35 -13.61 -6.30 -9.91
N THR B 36 -13.40 -5.77 -8.70
CA THR B 36 -12.32 -6.18 -7.76
C THR B 36 -12.54 -7.65 -7.39
N ALA B 37 -13.77 -8.07 -7.11
CA ALA B 37 -14.09 -9.47 -6.75
C ALA B 37 -13.73 -10.39 -7.94
N GLU B 38 -14.08 -10.02 -9.17
CA GLU B 38 -13.75 -10.79 -10.39
C GLU B 38 -12.23 -10.91 -10.53
N GLN B 39 -11.51 -9.80 -10.34
CA GLN B 39 -10.03 -9.80 -10.43
C GLN B 39 -9.46 -10.75 -9.37
N ARG B 40 -10.01 -10.76 -8.16
CA ARG B 40 -9.50 -11.64 -7.08
C ARG B 40 -9.68 -13.11 -7.46
N LEU B 41 -10.84 -13.47 -8.02
CA LEU B 41 -11.12 -14.86 -8.44
C LEU B 41 -10.18 -15.24 -9.59
N ARG B 42 -9.91 -14.34 -10.53
CA ARG B 42 -8.97 -14.60 -11.66
C ARG B 42 -7.58 -14.88 -11.10
N LEU B 43 -7.14 -14.11 -10.13
CA LEU B 43 -5.77 -14.30 -9.52
C LEU B 43 -5.69 -15.67 -8.81
N MET B 44 -6.74 -16.13 -8.16
CA MET B 44 -6.73 -17.46 -7.47
C MET B 44 -6.72 -18.59 -8.50
N GLN B 45 -7.36 -18.38 -9.66
CA GLN B 45 -7.38 -19.32 -10.83
C GLN B 45 -5.97 -19.36 -11.43
N LEU B 46 -5.27 -18.22 -11.57
CA LEU B 46 -3.89 -18.21 -12.10
C LEU B 46 -2.92 -18.85 -11.09
N ALA B 47 -3.20 -18.75 -9.80
CA ALA B 47 -2.33 -19.26 -8.71
C ALA B 47 -2.49 -20.78 -8.50
N SER B 48 -3.54 -21.39 -9.03
CA SER B 48 -3.99 -22.74 -8.64
C SER B 48 -2.98 -23.78 -9.11
N SER B 49 -2.65 -24.74 -8.23
CA SER B 49 -1.96 -26.02 -8.55
C SER B 49 -2.67 -26.77 -9.67
N ASN B 50 -3.97 -26.53 -9.87
CA ASN B 50 -4.78 -27.26 -10.86
C ASN B 50 -4.62 -26.60 -12.25
N LEU B 51 -3.98 -25.43 -12.38
CA LEU B 51 -3.72 -24.80 -13.70
C LEU B 51 -3.02 -25.84 -14.57
N PRO B 52 -3.53 -26.25 -15.75
CA PRO B 52 -2.94 -27.36 -16.50
C PRO B 52 -1.70 -26.91 -17.30
N VAL B 53 -0.65 -26.53 -16.58
CA VAL B 53 0.71 -26.19 -17.07
C VAL B 53 1.63 -27.00 -16.16
N GLY B 54 2.47 -27.87 -16.70
CA GLY B 54 3.23 -28.85 -15.90
C GLY B 54 4.59 -28.34 -15.42
N GLY B 55 4.86 -28.49 -14.13
CA GLY B 55 6.20 -28.28 -13.51
C GLY B 55 6.41 -26.84 -13.09
N TYR B 56 7.66 -26.47 -12.79
CA TYR B 56 8.00 -25.12 -12.26
C TYR B 56 9.51 -24.94 -12.46
N SER B 57 9.91 -23.68 -12.69
CA SER B 57 11.32 -23.24 -12.82
C SER B 57 12.12 -23.62 -11.57
N TRP B 58 13.42 -23.87 -11.73
CA TRP B 58 14.41 -24.14 -10.65
C TRP B 58 14.14 -25.51 -9.98
N SER B 59 13.21 -26.31 -10.50
CA SER B 59 12.72 -27.58 -9.90
C SER B 59 13.86 -28.62 -9.83
N GLN B 60 14.69 -28.68 -10.87
CA GLN B 60 15.79 -29.68 -11.07
C GLN B 60 16.81 -29.58 -9.93
N GLY B 61 16.99 -28.39 -9.37
CA GLY B 61 17.82 -28.25 -8.17
C GLY B 61 17.53 -29.35 -7.15
N LEU B 62 16.23 -29.57 -6.85
CA LEU B 62 15.75 -30.31 -5.64
C LEU B 62 16.19 -31.78 -5.69
N GLU B 63 15.93 -32.48 -6.79
CA GLU B 63 16.23 -33.94 -6.92
C GLU B 63 17.71 -34.14 -6.65
N TRP B 64 18.57 -33.33 -7.28
CA TRP B 64 20.05 -33.37 -7.10
C TRP B 64 20.37 -33.17 -5.62
N ALA B 65 19.79 -32.13 -5.02
CA ALA B 65 20.10 -31.70 -3.63
C ALA B 65 19.68 -32.81 -2.65
N VAL B 66 18.56 -33.50 -2.93
CA VAL B 66 18.05 -34.63 -2.10
C VAL B 66 19.05 -35.78 -2.19
N GLU B 67 19.33 -36.24 -3.41
CA GLU B 67 20.28 -37.34 -3.71
C GLU B 67 21.66 -37.02 -3.11
N ALA B 68 22.07 -35.76 -3.10
CA ALA B 68 23.40 -35.33 -2.63
C ALA B 68 23.47 -35.31 -1.10
N GLY B 69 22.32 -35.29 -0.43
CA GLY B 69 22.24 -35.29 1.04
C GLY B 69 22.01 -33.92 1.66
N TRP B 70 21.64 -32.91 0.85
CA TRP B 70 21.56 -31.49 1.30
C TRP B 70 20.19 -31.18 1.89
N VAL B 71 19.17 -31.99 1.60
CA VAL B 71 17.77 -31.74 2.03
C VAL B 71 17.18 -32.94 2.76
N PRO B 72 17.70 -33.28 3.96
CA PRO B 72 17.17 -34.41 4.71
C PRO B 72 15.80 -34.24 5.36
N ASP B 73 15.36 -33.01 5.58
CA ASP B 73 14.19 -32.69 6.44
C ASP B 73 13.63 -31.32 6.08
N VAL B 74 12.55 -30.92 6.77
CA VAL B 74 11.77 -29.68 6.50
C VAL B 74 12.69 -28.46 6.59
N ALA B 75 13.50 -28.37 7.63
CA ALA B 75 14.36 -27.21 7.90
C ALA B 75 15.34 -27.07 6.72
N ALA B 76 15.99 -28.15 6.29
CA ALA B 76 16.96 -28.11 5.18
C ALA B 76 16.22 -27.82 3.87
N PHE B 77 14.99 -28.30 3.69
CA PHE B 77 14.22 -27.98 2.46
C PHE B 77 13.93 -26.46 2.42
N GLU B 78 13.54 -25.91 3.56
CA GLU B 78 13.21 -24.46 3.65
C GLU B 78 14.46 -23.63 3.33
N ARG B 79 15.64 -23.98 3.87
CA ARG B 79 16.93 -23.28 3.60
C ARG B 79 17.15 -23.31 2.08
N TRP B 80 17.04 -24.50 1.50
CA TRP B 80 17.25 -24.71 0.04
C TRP B 80 16.26 -23.87 -0.79
N GLN B 81 14.99 -23.85 -0.41
CA GLN B 81 13.95 -23.15 -1.21
C GLN B 81 14.09 -21.62 -1.03
N ARG B 82 14.44 -21.13 0.18
CA ARG B 82 14.70 -19.68 0.38
C ARG B 82 15.82 -19.24 -0.57
N ARG B 83 16.85 -20.06 -0.71
CA ARG B 83 18.01 -19.76 -1.60
C ARG B 83 17.54 -19.76 -3.05
N GLN B 84 16.75 -20.75 -3.49
CA GLN B 84 16.22 -20.74 -4.88
C GLN B 84 15.34 -19.49 -5.08
N MET B 85 14.52 -19.08 -4.10
CA MET B 85 13.57 -17.95 -4.26
C MET B 85 14.35 -16.63 -4.45
N THR B 86 15.43 -16.43 -3.69
CA THR B 86 16.24 -15.17 -3.65
C THR B 86 17.29 -15.15 -4.75
N GLU B 87 17.95 -16.28 -5.05
CA GLU B 87 19.06 -16.35 -6.04
C GLU B 87 18.54 -16.68 -7.45
N GLY B 88 17.34 -17.25 -7.61
CA GLY B 88 16.79 -17.63 -8.92
C GLY B 88 15.53 -16.83 -9.24
N PHE B 89 14.45 -17.06 -8.52
CA PHE B 89 13.12 -16.51 -8.82
C PHE B 89 13.13 -14.98 -8.76
N PHE B 90 13.81 -14.40 -7.78
CA PHE B 90 13.82 -12.94 -7.53
C PHE B 90 14.89 -12.24 -8.33
N THR B 91 15.84 -12.96 -8.93
CA THR B 91 16.89 -12.37 -9.80
C THR B 91 16.55 -12.61 -11.26
N VAL B 92 15.69 -13.58 -11.61
CA VAL B 92 15.39 -13.89 -13.05
C VAL B 92 13.89 -13.76 -13.33
N ASP B 93 13.10 -14.74 -12.90
CA ASP B 93 11.64 -14.84 -13.22
C ASP B 93 10.93 -13.53 -12.89
N LEU B 94 10.99 -13.02 -11.66
CA LEU B 94 10.08 -11.92 -11.25
C LEU B 94 10.49 -10.63 -11.94
N PRO B 95 11.79 -10.23 -11.97
CA PRO B 95 12.20 -9.01 -12.64
C PRO B 95 11.89 -9.01 -14.15
N LEU B 96 12.04 -10.15 -14.80
CA LEU B 96 11.74 -10.24 -16.24
C LEU B 96 10.21 -10.26 -16.44
N PHE B 97 9.44 -10.85 -15.51
CA PHE B 97 7.97 -10.77 -15.54
C PHE B 97 7.55 -9.29 -15.43
N ALA B 98 8.17 -8.53 -14.53
CA ALA B 98 7.90 -7.08 -14.40
C ALA B 98 8.15 -6.36 -15.73
N ARG B 99 9.25 -6.68 -16.42
CA ARG B 99 9.63 -5.98 -17.67
C ARG B 99 8.68 -6.40 -18.80
N LEU B 100 8.23 -7.65 -18.82
CA LEU B 100 7.25 -8.10 -19.83
C LEU B 100 5.92 -7.38 -19.59
N TYR B 101 5.51 -7.22 -18.33
CA TYR B 101 4.26 -6.53 -17.96
C TYR B 101 4.33 -5.07 -18.43
N ARG B 102 5.43 -4.37 -18.13
CA ARG B 102 5.66 -2.95 -18.48
C ARG B 102 5.69 -2.80 -20.00
N ALA B 103 6.34 -3.72 -20.70
CA ALA B 103 6.38 -3.71 -22.19
C ALA B 103 4.96 -3.82 -22.74
N CYS B 104 4.14 -4.73 -22.19
CA CYS B 104 2.77 -4.93 -22.67
C CYS B 104 1.92 -3.67 -22.42
N GLU B 105 2.09 -3.07 -21.24
CA GLU B 105 1.39 -1.83 -20.82
C GLU B 105 1.65 -0.73 -21.85
N GLN B 106 2.92 -0.61 -22.29
CA GLN B 106 3.41 0.44 -23.22
C GLN B 106 3.11 0.05 -24.68
N GLY B 107 2.57 -1.14 -24.97
CA GLY B 107 2.27 -1.56 -26.36
C GLY B 107 3.55 -1.86 -27.14
N ASP B 108 4.63 -2.17 -26.41
CA ASP B 108 5.99 -2.35 -26.94
C ASP B 108 6.27 -3.86 -27.05
N ILE B 109 5.82 -4.47 -28.17
CA ILE B 109 6.03 -5.92 -28.50
C ILE B 109 7.53 -6.20 -28.73
N ALA B 110 8.26 -5.31 -29.41
CA ALA B 110 9.70 -5.48 -29.69
C ALA B 110 10.47 -5.58 -28.35
N ALA B 111 10.17 -4.72 -27.39
CA ALA B 111 10.78 -4.78 -26.04
C ALA B 111 10.40 -6.11 -25.35
N ALA B 112 9.15 -6.55 -25.48
CA ALA B 112 8.69 -7.82 -24.86
C ALA B 112 9.45 -8.99 -25.49
N GLN B 113 9.69 -8.92 -26.80
CA GLN B 113 10.48 -9.94 -27.54
C GLN B 113 11.90 -9.98 -26.99
N ARG B 114 12.53 -8.81 -26.77
CA ARG B 114 13.92 -8.72 -26.29
C ARG B 114 14.00 -9.27 -24.86
N TRP B 115 13.08 -8.89 -23.97
CA TRP B 115 13.05 -9.43 -22.58
C TRP B 115 12.81 -10.94 -22.59
N THR B 116 12.00 -11.46 -23.50
CA THR B 116 11.73 -12.92 -23.54
C THR B 116 13.00 -13.66 -23.95
N ALA B 117 13.73 -13.12 -24.93
CA ALA B 117 15.04 -13.65 -25.37
C ALA B 117 15.99 -13.69 -24.17
N TYR B 118 16.06 -12.62 -23.38
CA TYR B 118 17.01 -12.56 -22.23
C TYR B 118 16.60 -13.64 -21.21
N LEU B 119 15.29 -13.81 -20.99
CA LEU B 119 14.76 -14.84 -20.06
C LEU B 119 15.29 -16.20 -20.50
N LEU B 120 15.18 -16.54 -21.78
CA LEU B 120 15.58 -17.88 -22.27
C LEU B 120 17.10 -18.05 -22.10
N ALA B 121 17.90 -17.03 -22.42
CA ALA B 121 19.37 -17.05 -22.21
C ALA B 121 19.68 -17.23 -20.70
N CYS B 122 18.85 -16.70 -19.81
CA CYS B 122 19.05 -16.83 -18.34
C CYS B 122 18.75 -18.25 -17.87
N ARG B 123 18.01 -19.07 -18.64
CA ARG B 123 17.74 -20.49 -18.28
C ARG B 123 19.01 -21.34 -18.49
N GLU B 124 19.98 -20.89 -19.28
CA GLU B 124 21.36 -21.45 -19.29
C GLU B 124 21.40 -22.73 -20.13
N THR B 125 20.85 -23.86 -19.65
CA THR B 125 20.91 -25.15 -20.38
C THR B 125 19.87 -25.18 -21.51
N ARG B 126 20.14 -25.99 -22.54
CA ARG B 126 19.17 -26.42 -23.58
C ARG B 126 17.90 -26.98 -22.91
N GLU B 127 18.06 -27.93 -21.98
CA GLU B 127 16.95 -28.66 -21.31
C GLU B 127 15.99 -27.68 -20.62
N LEU B 128 16.53 -26.67 -19.92
CA LEU B 128 15.73 -25.71 -19.11
C LEU B 128 15.05 -24.68 -20.04
N ARG B 129 15.66 -24.34 -21.18
CA ARG B 129 15.02 -23.50 -22.23
C ARG B 129 13.81 -24.24 -22.82
N GLU B 130 13.95 -25.53 -23.10
CA GLU B 130 12.86 -26.39 -23.64
C GLU B 130 11.75 -26.50 -22.60
N GLU B 131 12.09 -26.63 -21.31
CA GLU B 131 11.05 -26.73 -20.25
C GLU B 131 10.26 -25.40 -20.22
N GLU B 132 10.95 -24.26 -20.34
CA GLU B 132 10.32 -22.91 -20.37
C GLU B 132 9.36 -22.83 -21.56
N ARG B 133 9.79 -23.28 -22.73
CA ARG B 133 8.98 -23.21 -23.99
C ARG B 133 7.78 -24.17 -23.89
N ASN B 134 7.95 -25.36 -23.32
CA ASN B 134 6.85 -26.35 -23.12
C ASN B 134 5.79 -25.74 -22.21
N ARG B 135 6.19 -25.12 -21.11
CA ARG B 135 5.25 -24.47 -20.17
C ARG B 135 4.57 -23.29 -20.89
N GLY B 136 5.29 -22.56 -21.74
CA GLY B 136 4.74 -21.45 -22.54
C GLY B 136 3.65 -21.93 -23.48
N ALA B 137 3.89 -23.02 -24.21
CA ALA B 137 2.91 -23.65 -25.14
C ALA B 137 1.66 -24.10 -24.36
N ALA B 138 1.85 -24.72 -23.19
CA ALA B 138 0.74 -25.18 -22.32
C ALA B 138 -0.12 -23.96 -21.94
N PHE B 139 0.52 -22.87 -21.50
CA PHE B 139 -0.22 -21.66 -21.06
C PHE B 139 -0.92 -20.99 -22.24
N ALA B 140 -0.30 -20.96 -23.42
CA ALA B 140 -0.84 -20.36 -24.66
C ALA B 140 -2.15 -21.03 -25.09
N ARG B 141 -2.28 -22.34 -24.90
CA ARG B 141 -3.55 -23.06 -25.16
C ARG B 141 -4.68 -22.45 -24.29
N LEU B 142 -4.42 -22.09 -23.04
CA LEU B 142 -5.44 -21.48 -22.12
C LEU B 142 -5.65 -20.02 -22.51
N LEU B 143 -4.55 -19.29 -22.72
CA LEU B 143 -4.56 -17.84 -23.05
C LEU B 143 -5.50 -17.60 -24.24
N SER B 144 -5.34 -18.36 -25.32
CA SER B 144 -6.14 -18.16 -26.56
C SER B 144 -7.60 -18.58 -26.31
N ASP B 145 -7.85 -19.55 -25.42
CA ASP B 145 -9.22 -19.96 -25.02
C ASP B 145 -9.87 -18.85 -24.20
N TRP B 146 -9.16 -18.27 -23.23
CA TRP B 146 -9.69 -17.21 -22.33
C TRP B 146 -9.88 -15.89 -23.08
N GLN B 147 -8.94 -15.56 -23.96
CA GLN B 147 -8.90 -14.28 -24.71
C GLN B 147 -8.57 -14.57 -26.17
N PRO B 148 -9.55 -14.98 -27.01
CA PRO B 148 -9.32 -15.21 -28.44
C PRO B 148 -8.76 -13.96 -29.13
N ASP B 149 -9.19 -12.83 -28.60
CA ASP B 149 -8.61 -11.46 -28.52
C ASP B 149 -7.09 -11.36 -28.75
N CYS B 150 -6.32 -12.28 -28.15
CA CYS B 150 -4.84 -12.20 -28.02
C CYS B 150 -4.18 -12.17 -29.39
N PRO B 151 -3.48 -11.08 -29.78
CA PRO B 151 -2.90 -10.96 -31.11
C PRO B 151 -1.81 -11.99 -31.37
N PRO B 152 -1.64 -12.44 -32.63
CA PRO B 152 -0.64 -13.45 -32.96
C PRO B 152 0.75 -13.20 -32.39
N PRO B 153 1.33 -11.97 -32.46
CA PRO B 153 2.67 -11.74 -31.93
C PRO B 153 2.79 -12.08 -30.44
N TRP B 154 1.75 -11.80 -29.66
CA TRP B 154 1.72 -12.11 -28.21
C TRP B 154 1.54 -13.61 -27.97
N ARG B 155 0.64 -14.27 -28.70
CA ARG B 155 0.50 -15.75 -28.64
C ARG B 155 1.85 -16.39 -28.94
N SER B 156 2.52 -15.92 -29.99
CA SER B 156 3.87 -16.38 -30.42
C SER B 156 4.85 -16.17 -29.27
N LEU B 157 4.85 -15.00 -28.64
CA LEU B 157 5.74 -14.74 -27.47
C LEU B 157 5.37 -15.66 -26.31
N CYS B 158 4.07 -15.90 -26.03
CA CYS B 158 3.63 -16.79 -24.93
C CYS B 158 4.21 -18.19 -25.11
N GLN B 159 4.40 -18.66 -26.33
CA GLN B 159 4.95 -20.02 -26.59
C GLN B 159 6.44 -20.11 -26.19
N GLN B 160 7.11 -18.96 -26.05
CA GLN B 160 8.51 -18.90 -25.55
C GLN B 160 8.47 -19.02 -24.02
N SER B 161 7.50 -18.37 -23.36
CA SER B 161 7.39 -18.35 -21.88
C SER B 161 5.97 -17.99 -21.44
N GLN B 162 5.46 -18.81 -20.52
CA GLN B 162 4.27 -18.57 -19.69
C GLN B 162 4.34 -17.15 -19.10
N LEU B 163 5.54 -16.62 -18.78
CA LEU B 163 5.63 -15.30 -18.16
C LEU B 163 5.09 -14.22 -19.11
N ALA B 164 5.36 -14.33 -20.42
CA ALA B 164 4.91 -13.35 -21.43
C ALA B 164 3.39 -13.45 -21.57
N GLY B 165 2.85 -14.67 -21.61
CA GLY B 165 1.40 -14.92 -21.60
C GLY B 165 0.74 -14.31 -20.35
N MET B 166 1.24 -14.59 -19.17
CA MET B 166 0.71 -14.07 -17.88
C MET B 166 0.65 -12.53 -17.92
N ALA B 167 1.75 -11.92 -18.35
CA ALA B 167 2.01 -10.46 -18.50
C ALA B 167 0.98 -9.83 -19.42
N TRP B 168 0.71 -10.44 -20.55
CA TRP B 168 -0.31 -9.93 -21.51
C TRP B 168 -1.70 -10.00 -20.83
N LEU B 169 -1.97 -11.11 -20.19
CA LEU B 169 -3.30 -11.39 -19.57
C LEU B 169 -3.53 -10.41 -18.41
N GLY B 170 -2.49 -10.16 -17.60
CA GLY B 170 -2.52 -9.17 -16.51
C GLY B 170 -2.92 -7.81 -17.03
N VAL B 171 -2.26 -7.34 -18.08
CA VAL B 171 -2.60 -6.03 -18.66
C VAL B 171 -4.00 -6.08 -19.27
N ARG B 172 -4.34 -7.14 -20.00
CA ARG B 172 -5.68 -7.27 -20.64
C ARG B 172 -6.78 -7.21 -19.56
N TRP B 173 -6.53 -7.80 -18.39
CA TRP B 173 -7.52 -7.90 -17.29
C TRP B 173 -7.43 -6.68 -16.37
N ARG B 174 -6.46 -5.78 -16.59
CA ARG B 174 -6.26 -4.53 -15.81
C ARG B 174 -5.96 -4.87 -14.33
N ILE B 175 -5.19 -5.93 -14.11
CA ILE B 175 -4.68 -6.31 -12.77
C ILE B 175 -3.28 -5.69 -12.61
N ALA B 176 -3.05 -4.98 -11.50
CA ALA B 176 -1.76 -4.39 -11.11
C ALA B 176 -0.66 -5.47 -11.07
N LEU B 177 0.55 -5.09 -11.47
CA LEU B 177 1.74 -5.97 -11.51
C LEU B 177 1.97 -6.65 -10.17
N PRO B 178 1.95 -5.93 -9.01
CA PRO B 178 2.20 -6.55 -7.71
C PRO B 178 1.19 -7.66 -7.38
N GLU B 179 -0.07 -7.48 -7.76
CA GLU B 179 -1.12 -8.52 -7.60
C GLU B 179 -0.77 -9.77 -8.43
N MET B 180 -0.51 -9.63 -9.74
CA MET B 180 -0.15 -10.76 -10.62
C MET B 180 1.02 -11.54 -10.02
N ALA B 181 2.00 -10.80 -9.51
CA ALA B 181 3.29 -11.24 -8.93
C ALA B 181 3.06 -12.06 -7.66
N LEU B 182 2.04 -11.76 -6.87
CA LEU B 182 1.67 -12.61 -5.69
C LEU B 182 1.10 -13.95 -6.18
N SER B 183 0.27 -13.91 -7.21
CA SER B 183 -0.33 -15.12 -7.80
C SER B 183 0.78 -16.02 -8.40
N LEU B 184 1.73 -15.44 -9.13
CA LEU B 184 2.89 -16.13 -9.74
C LEU B 184 3.73 -16.78 -8.64
N GLY B 185 4.02 -16.02 -7.59
CA GLY B 185 4.91 -16.46 -6.50
C GLY B 185 4.25 -17.55 -5.69
N TYR B 186 2.98 -17.39 -5.36
CA TYR B 186 2.21 -18.41 -4.60
C TYR B 186 2.27 -19.74 -5.36
N SER B 187 1.92 -19.73 -6.64
CA SER B 187 2.00 -20.92 -7.54
C SER B 187 3.41 -21.57 -7.49
N TRP B 188 4.47 -20.76 -7.60
CA TRP B 188 5.86 -21.29 -7.59
C TRP B 188 6.17 -21.92 -6.21
N ILE B 189 5.81 -21.22 -5.13
CA ILE B 189 6.05 -21.71 -3.75
C ILE B 189 5.31 -23.04 -3.57
N GLU B 190 4.03 -23.06 -3.88
CA GLU B 190 3.20 -24.27 -3.65
C GLU B 190 3.74 -25.43 -4.49
N SER B 191 4.11 -25.21 -5.74
CA SER B 191 4.71 -26.27 -6.61
C SER B 191 5.97 -26.84 -5.94
N ALA B 192 6.85 -25.96 -5.41
CA ALA B 192 8.13 -26.40 -4.82
C ALA B 192 7.84 -27.24 -3.58
N VAL B 193 6.86 -26.84 -2.78
CA VAL B 193 6.52 -27.55 -1.51
C VAL B 193 5.90 -28.92 -1.82
N MET B 194 4.98 -29.02 -2.78
CA MET B 194 4.28 -30.29 -3.13
C MET B 194 5.27 -31.33 -3.69
N ALA B 195 6.33 -30.86 -4.35
CA ALA B 195 7.48 -31.65 -4.87
C ALA B 195 8.34 -32.12 -3.68
N GLY B 196 8.61 -31.22 -2.72
CA GLY B 196 9.32 -31.57 -1.48
C GLY B 196 8.60 -32.64 -0.69
N VAL B 197 7.26 -32.55 -0.61
CA VAL B 197 6.40 -33.58 0.06
C VAL B 197 6.83 -34.96 -0.46
N LYS B 198 6.99 -35.08 -1.78
CA LYS B 198 7.26 -36.39 -2.43
C LYS B 198 8.74 -36.74 -2.25
N LEU B 199 9.66 -35.80 -2.43
CA LEU B 199 11.09 -36.12 -2.62
C LEU B 199 11.83 -36.21 -1.28
N VAL B 200 11.48 -35.41 -0.28
CA VAL B 200 12.34 -35.28 0.92
C VAL B 200 12.28 -36.55 1.78
N PRO B 201 11.12 -37.14 2.13
CA PRO B 201 9.80 -36.50 2.03
C PRO B 201 9.44 -35.77 3.32
N PHE B 202 8.28 -35.10 3.35
CA PHE B 202 7.64 -34.62 4.61
C PHE B 202 6.13 -34.66 4.42
N GLY B 203 5.41 -34.38 5.51
CA GLY B 203 3.95 -34.60 5.60
C GLY B 203 3.16 -33.35 5.28
N GLN B 204 1.86 -33.51 5.16
CA GLN B 204 0.89 -32.49 4.69
C GLN B 204 0.81 -31.33 5.68
N GLN B 205 0.83 -31.62 6.99
CA GLN B 205 0.78 -30.59 8.05
C GLN B 205 2.02 -29.70 7.95
N ALA B 206 3.20 -30.33 7.90
CA ALA B 206 4.49 -29.60 7.80
C ALA B 206 4.49 -28.79 6.49
N ALA B 207 3.95 -29.34 5.40
CA ALA B 207 3.85 -28.62 4.10
C ALA B 207 3.10 -27.31 4.26
N GLN B 208 1.96 -27.33 4.94
CA GLN B 208 1.13 -26.10 5.09
C GLN B 208 1.91 -25.04 5.90
N GLN B 209 2.67 -25.43 6.93
CA GLN B 209 3.48 -24.47 7.72
C GLN B 209 4.60 -23.90 6.84
N LEU B 210 5.23 -24.73 6.02
CA LEU B 210 6.29 -24.31 5.07
C LEU B 210 5.75 -23.24 4.10
N ILE B 211 4.58 -23.50 3.51
CA ILE B 211 3.96 -22.56 2.52
C ILE B 211 3.76 -21.22 3.23
N LEU B 212 3.26 -21.23 4.46
CA LEU B 212 3.05 -20.00 5.28
C LEU B 212 4.37 -19.24 5.39
N ARG B 213 5.44 -19.88 5.88
CA ARG B 213 6.74 -19.20 6.13
C ARG B 213 7.34 -18.73 4.78
N LEU B 214 7.23 -19.52 3.71
CA LEU B 214 7.85 -19.15 2.41
C LEU B 214 7.06 -17.98 1.82
N CYS B 215 5.74 -17.93 2.03
CA CYS B 215 4.88 -16.79 1.57
C CYS B 215 5.28 -15.51 2.31
N ASP B 216 5.55 -15.58 3.61
CA ASP B 216 6.02 -14.40 4.40
C ASP B 216 7.32 -13.87 3.80
N HIS B 217 8.28 -14.74 3.50
CA HIS B 217 9.58 -14.36 2.91
C HIS B 217 9.34 -13.76 1.53
N TYR B 218 8.48 -14.38 0.73
CA TYR B 218 8.08 -13.85 -0.60
C TYR B 218 7.48 -12.44 -0.48
N ALA B 219 6.53 -12.21 0.42
CA ALA B 219 5.89 -10.87 0.60
C ALA B 219 6.94 -9.83 1.01
N ALA B 220 7.89 -10.15 1.91
CA ALA B 220 8.92 -9.18 2.39
C ALA B 220 9.88 -8.81 1.25
N GLU B 221 10.19 -9.74 0.37
CA GLU B 221 11.28 -9.59 -0.64
C GLU B 221 10.71 -9.19 -2.01
N MET B 222 9.43 -9.37 -2.31
CA MET B 222 8.91 -9.13 -3.68
C MET B 222 9.16 -7.69 -4.14
N PRO B 223 8.82 -6.66 -3.35
CA PRO B 223 8.90 -5.26 -3.79
C PRO B 223 10.30 -4.80 -4.20
N ARG B 224 11.33 -5.21 -3.45
CA ARG B 224 12.74 -4.99 -3.83
C ARG B 224 12.99 -5.67 -5.18
N ALA B 225 12.59 -6.93 -5.35
CA ALA B 225 12.78 -7.68 -6.62
C ALA B 225 12.07 -6.97 -7.77
N LEU B 226 10.86 -6.44 -7.57
CA LEU B 226 10.10 -5.72 -8.64
C LEU B 226 10.78 -4.38 -8.96
N ALA B 227 11.50 -3.78 -8.03
CA ALA B 227 12.11 -2.44 -8.20
C ALA B 227 13.56 -2.55 -8.72
N ALA B 228 14.17 -3.74 -8.72
CA ALA B 228 15.63 -3.88 -8.99
C ALA B 228 15.96 -3.30 -10.37
N PRO B 229 17.13 -2.63 -10.55
CA PRO B 229 17.54 -2.16 -11.87
C PRO B 229 17.99 -3.31 -12.80
N ASP B 230 18.03 -3.02 -14.11
CA ASP B 230 18.38 -3.98 -15.19
C ASP B 230 19.73 -4.66 -14.90
N GLY B 231 20.70 -3.94 -14.35
CA GLY B 231 22.05 -4.46 -14.02
C GLY B 231 22.03 -5.60 -13.01
N ASP B 232 20.94 -5.76 -12.24
CA ASP B 232 20.85 -6.76 -11.14
C ASP B 232 20.20 -8.07 -11.62
N ILE B 233 19.74 -8.17 -12.87
CA ILE B 233 19.04 -9.40 -13.35
C ILE B 233 20.05 -10.54 -13.55
N MET C 34 -0.76 -7.66 9.87
CA MET C 34 -0.35 -8.49 8.70
C MET C 34 -0.60 -7.69 7.42
N SER C 35 0.44 -7.51 6.60
CA SER C 35 0.46 -6.73 5.34
C SER C 35 -0.58 -7.27 4.35
N THR C 36 -0.95 -6.45 3.37
CA THR C 36 -1.95 -6.79 2.32
C THR C 36 -1.37 -7.92 1.45
N ALA C 37 -0.08 -7.88 1.13
CA ALA C 37 0.60 -8.93 0.37
C ALA C 37 0.51 -10.26 1.14
N GLU C 38 0.80 -10.26 2.44
CA GLU C 38 0.72 -11.47 3.29
C GLU C 38 -0.72 -11.97 3.31
N GLN C 39 -1.70 -11.09 3.45
CA GLN C 39 -3.13 -11.47 3.46
C GLN C 39 -3.47 -12.14 2.11
N ARG C 40 -2.98 -11.62 1.00
CA ARG C 40 -3.28 -12.19 -0.34
C ARG C 40 -2.72 -13.62 -0.44
N LEU C 41 -1.49 -13.85 0.02
CA LEU C 41 -0.88 -15.19 0.00
C LEU C 41 -1.66 -16.13 0.93
N ARG C 42 -2.10 -15.65 2.11
CA ARG C 42 -2.91 -16.48 3.06
C ARG C 42 -4.20 -16.90 2.36
N LEU C 43 -4.87 -15.98 1.66
CA LEU C 43 -6.16 -16.27 0.97
C LEU C 43 -5.94 -17.32 -0.12
N MET C 44 -4.83 -17.29 -0.86
CA MET C 44 -4.54 -18.27 -1.95
C MET C 44 -4.25 -19.65 -1.35
N GLN C 45 -3.61 -19.68 -0.18
CA GLN C 45 -3.33 -20.92 0.63
C GLN C 45 -4.65 -21.48 1.16
N LEU C 46 -5.59 -20.65 1.62
CA LEU C 46 -6.93 -21.12 2.09
C LEU C 46 -7.76 -21.62 0.90
N ALA C 47 -7.57 -21.07 -0.31
CA ALA C 47 -8.36 -21.39 -1.51
C ALA C 47 -7.85 -22.67 -2.19
N SER C 48 -6.66 -23.13 -1.86
CA SER C 48 -5.91 -24.13 -2.66
C SER C 48 -6.62 -25.48 -2.60
N SER C 49 -6.73 -26.17 -3.74
CA SER C 49 -7.19 -27.57 -3.82
C SER C 49 -6.20 -28.48 -3.06
N ASN C 50 -4.99 -28.01 -2.74
CA ASN C 50 -3.97 -28.83 -2.01
C ASN C 50 -4.22 -28.73 -0.48
N LEU C 51 -5.14 -27.88 -0.01
CA LEU C 51 -5.39 -27.76 1.46
C LEU C 51 -5.82 -29.14 1.95
N PRO C 52 -5.13 -29.79 2.92
CA PRO C 52 -5.36 -31.20 3.23
C PRO C 52 -6.61 -31.43 4.08
N VAL C 53 -7.78 -31.23 3.47
CA VAL C 53 -9.11 -31.27 4.14
C VAL C 53 -10.04 -32.37 3.60
N GLY C 54 -10.19 -32.59 2.29
CA GLY C 54 -10.89 -33.77 1.75
C GLY C 54 -12.38 -33.55 1.47
N GLY C 55 -12.78 -33.50 0.18
CA GLY C 55 -14.18 -33.37 -0.27
C GLY C 55 -14.65 -31.91 -0.35
N TYR C 56 -15.95 -31.69 -0.53
CA TYR C 56 -16.59 -30.35 -0.54
C TYR C 56 -18.11 -30.57 -0.34
N SER C 57 -18.80 -29.59 0.27
CA SER C 57 -20.27 -29.60 0.49
C SER C 57 -21.02 -29.76 -0.85
N TRP C 58 -22.21 -30.38 -0.80
CA TRP C 58 -23.18 -30.55 -1.92
C TRP C 58 -22.63 -31.53 -2.98
N SER C 59 -21.47 -32.18 -2.73
CA SER C 59 -20.71 -32.99 -3.71
C SER C 59 -21.53 -34.21 -4.17
N GLN C 60 -22.27 -34.85 -3.24
CA GLN C 60 -23.00 -36.14 -3.46
C GLN C 60 -24.08 -35.94 -4.54
N GLY C 61 -24.61 -34.73 -4.69
CA GLY C 61 -25.50 -34.41 -5.83
C GLY C 61 -24.96 -35.02 -7.12
N LEU C 62 -23.67 -34.80 -7.44
CA LEU C 62 -23.10 -34.94 -8.79
C LEU C 62 -23.13 -36.39 -9.27
N GLU C 63 -22.64 -37.32 -8.46
CA GLU C 63 -22.55 -38.77 -8.82
C GLU C 63 -23.95 -39.25 -9.22
N TRP C 64 -24.95 -38.95 -8.37
CA TRP C 64 -26.37 -39.31 -8.61
C TRP C 64 -26.83 -38.71 -9.94
N ALA C 65 -26.59 -37.41 -10.12
CA ALA C 65 -27.07 -36.63 -11.29
C ALA C 65 -26.45 -37.21 -12.57
N VAL C 66 -25.19 -37.62 -12.51
CA VAL C 66 -24.47 -38.23 -13.68
C VAL C 66 -25.14 -39.55 -14.02
N GLU C 67 -25.22 -40.46 -13.05
CA GLU C 67 -25.83 -41.80 -13.20
C GLU C 67 -27.29 -41.68 -13.67
N ALA C 68 -28.00 -40.63 -13.22
CA ALA C 68 -29.44 -40.43 -13.54
C ALA C 68 -29.60 -39.88 -14.96
N GLY C 69 -28.55 -39.33 -15.57
CA GLY C 69 -28.61 -38.83 -16.96
C GLY C 69 -28.72 -37.32 -17.06
N TRP C 70 -28.54 -36.58 -15.96
CA TRP C 70 -28.85 -35.12 -15.87
C TRP C 70 -27.64 -34.30 -16.30
N VAL C 71 -26.43 -34.89 -16.28
CA VAL C 71 -25.17 -34.17 -16.57
C VAL C 71 -24.37 -34.88 -17.66
N PRO C 72 -24.88 -34.92 -18.90
CA PRO C 72 -24.13 -35.53 -20.01
C PRO C 72 -22.87 -34.81 -20.50
N ASP C 73 -22.74 -33.51 -20.23
CA ASP C 73 -21.75 -32.64 -20.91
C ASP C 73 -21.51 -31.37 -20.08
N VAL C 74 -20.59 -30.54 -20.55
CA VAL C 74 -20.12 -29.31 -19.84
C VAL C 74 -21.30 -28.36 -19.57
N ALA C 75 -22.16 -28.14 -20.56
CA ALA C 75 -23.31 -27.22 -20.46
C ALA C 75 -24.24 -27.71 -19.34
N ALA C 76 -24.58 -29.00 -19.32
CA ALA C 76 -25.45 -29.58 -18.27
C ALA C 76 -24.74 -29.54 -16.92
N PHE C 77 -23.42 -29.72 -16.87
CA PHE C 77 -22.70 -29.64 -15.58
C PHE C 77 -22.79 -28.20 -15.05
N GLU C 78 -22.63 -27.21 -15.93
CA GLU C 78 -22.66 -25.79 -15.52
C GLU C 78 -24.05 -25.46 -14.97
N ARG C 79 -25.13 -25.91 -15.64
CA ARG C 79 -26.51 -25.70 -15.14
C ARG C 79 -26.64 -26.30 -13.74
N TRP C 80 -26.21 -27.54 -13.59
CA TRP C 80 -26.28 -28.28 -12.30
C TRP C 80 -25.47 -27.55 -11.22
N GLN C 81 -24.29 -27.05 -11.53
CA GLN C 81 -23.44 -26.38 -10.52
C GLN C 81 -24.00 -25.00 -10.17
N ARG C 82 -24.52 -24.24 -11.15
CA ARG C 82 -25.17 -22.93 -10.88
C ARG C 82 -26.34 -23.15 -9.90
N ARG C 83 -27.10 -24.23 -10.06
CA ARG C 83 -28.23 -24.59 -9.17
C ARG C 83 -27.69 -24.92 -7.77
N GLN C 84 -26.63 -25.74 -7.66
CA GLN C 84 -26.03 -26.01 -6.33
C GLN C 84 -25.52 -24.69 -5.71
N MET C 85 -24.91 -23.78 -6.48
CA MET C 85 -24.30 -22.54 -5.94
C MET C 85 -25.39 -21.61 -5.38
N THR C 86 -26.53 -21.50 -6.06
CA THR C 86 -27.66 -20.55 -5.71
C THR C 86 -28.61 -21.19 -4.70
N GLU C 87 -28.90 -22.50 -4.80
CA GLU C 87 -29.86 -23.19 -3.89
C GLU C 87 -29.18 -23.76 -2.63
N GLY C 88 -27.86 -23.98 -2.65
CA GLY C 88 -27.13 -24.57 -1.52
C GLY C 88 -26.11 -23.62 -0.92
N PHE C 89 -25.05 -23.31 -1.67
CA PHE C 89 -23.90 -22.53 -1.17
C PHE C 89 -24.33 -21.12 -0.74
N PHE C 90 -25.21 -20.47 -1.50
CA PHE C 90 -25.61 -19.06 -1.28
C PHE C 90 -26.74 -18.96 -0.26
N THR C 91 -27.45 -20.04 0.02
CA THR C 91 -28.57 -20.06 0.99
C THR C 91 -28.12 -20.68 2.31
N VAL C 92 -27.02 -21.45 2.34
CA VAL C 92 -26.60 -22.15 3.61
C VAL C 92 -25.15 -21.75 3.94
N ASP C 93 -24.17 -22.31 3.24
CA ASP C 93 -22.73 -22.12 3.55
C ASP C 93 -22.40 -20.63 3.74
N LEU C 94 -22.67 -19.77 2.77
CA LEU C 94 -22.08 -18.40 2.81
C LEU C 94 -22.75 -17.56 3.89
N PRO C 95 -24.10 -17.56 4.01
CA PRO C 95 -24.76 -16.80 5.07
C PRO C 95 -24.39 -17.25 6.49
N LEU C 96 -24.21 -18.55 6.68
CA LEU C 96 -23.79 -19.07 8.00
C LEU C 96 -22.31 -18.75 8.23
N PHE C 97 -21.49 -18.75 7.17
CA PHE C 97 -20.08 -18.31 7.29
C PHE C 97 -20.04 -16.84 7.74
N ALA C 98 -20.86 -15.99 7.15
CA ALA C 98 -20.97 -14.57 7.56
C ALA C 98 -21.31 -14.47 9.06
N ARG C 99 -22.25 -15.28 9.54
CA ARG C 99 -22.72 -15.20 10.94
C ARG C 99 -21.63 -15.73 11.88
N LEU C 100 -20.88 -16.75 11.46
CA LEU C 100 -19.77 -17.29 12.28
C LEU C 100 -18.69 -16.23 12.36
N TYR C 101 -18.42 -15.53 11.26
CA TYR C 101 -17.38 -14.47 11.20
C TYR C 101 -17.75 -13.35 12.18
N ARG C 102 -19.01 -12.87 12.13
CA ARG C 102 -19.53 -11.78 12.99
C ARG C 102 -19.48 -12.23 14.45
N ALA C 103 -19.85 -13.47 14.74
CA ALA C 103 -19.79 -14.01 16.12
C ALA C 103 -18.35 -13.99 16.64
N CYS C 104 -17.39 -14.41 15.82
CA CYS C 104 -15.96 -14.46 16.23
C CYS C 104 -15.45 -13.03 16.48
N GLU C 105 -15.82 -12.09 15.62
CA GLU C 105 -15.46 -10.66 15.71
C GLU C 105 -15.91 -10.11 17.05
N GLN C 106 -17.12 -10.47 17.49
CA GLN C 106 -17.77 -10.00 18.75
C GLN C 106 -17.28 -10.81 19.96
N GLY C 107 -16.44 -11.85 19.78
CA GLY C 107 -15.99 -12.71 20.89
C GLY C 107 -17.14 -13.51 21.49
N ASP C 108 -18.17 -13.76 20.67
CA ASP C 108 -19.44 -14.41 21.08
C ASP C 108 -19.39 -15.86 20.61
N ILE C 109 -18.79 -16.72 21.46
CA ILE C 109 -18.66 -18.20 21.22
C ILE C 109 -20.03 -18.87 21.30
N ALA C 110 -20.89 -18.50 22.24
CA ALA C 110 -22.26 -19.07 22.38
C ALA C 110 -23.04 -18.84 21.07
N ALA C 111 -22.98 -17.63 20.50
CA ALA C 111 -23.60 -17.34 19.21
C ALA C 111 -22.99 -18.21 18.09
N ALA C 112 -21.67 -18.38 18.10
CA ALA C 112 -20.97 -19.20 17.08
C ALA C 112 -21.39 -20.67 17.23
N GLN C 113 -21.60 -21.12 18.46
CA GLN C 113 -22.09 -22.49 18.77
C GLN C 113 -23.48 -22.65 18.15
N ARG C 114 -24.38 -21.67 18.36
CA ARG C 114 -25.78 -21.75 17.88
C ARG C 114 -25.78 -21.75 16.33
N TRP C 115 -25.00 -20.88 15.68
CA TRP C 115 -24.93 -20.86 14.19
C TRP C 115 -24.35 -22.16 13.65
N THR C 116 -23.37 -22.75 14.34
CA THR C 116 -22.75 -24.02 13.88
C THR C 116 -23.79 -25.15 13.98
N ALA C 117 -24.58 -25.17 15.04
CA ALA C 117 -25.69 -26.13 15.23
C ALA C 117 -26.67 -25.99 14.06
N TYR C 118 -27.04 -24.77 13.67
CA TYR C 118 -28.01 -24.56 12.57
C TYR C 118 -27.39 -25.10 11.27
N LEU C 119 -26.10 -24.84 11.07
CA LEU C 119 -25.36 -25.32 9.87
C LEU C 119 -25.49 -26.85 9.80
N LEU C 120 -25.24 -27.56 10.89
CA LEU C 120 -25.28 -29.04 10.90
C LEU C 120 -26.71 -29.52 10.61
N ALA C 121 -27.72 -28.91 11.21
CA ALA C 121 -29.14 -29.25 10.94
C ALA C 121 -29.46 -28.98 9.46
N CYS C 122 -28.84 -27.98 8.83
CA CYS C 122 -29.09 -27.66 7.40
C CYS C 122 -28.46 -28.72 6.50
N ARG C 123 -27.49 -29.50 6.97
CA ARG C 123 -26.89 -30.61 6.17
C ARG C 123 -27.87 -31.79 6.01
N GLU C 124 -28.89 -31.90 6.87
CA GLU C 124 -30.07 -32.78 6.63
C GLU C 124 -29.73 -34.23 6.98
N THR C 125 -28.91 -34.93 6.18
CA THR C 125 -28.61 -36.38 6.40
C THR C 125 -27.53 -36.51 7.50
N ARG C 126 -27.53 -37.67 8.18
CA ARG C 126 -26.42 -38.16 9.04
C ARG C 126 -25.10 -38.08 8.28
N GLU C 127 -25.03 -38.64 7.07
CA GLU C 127 -23.79 -38.79 6.27
C GLU C 127 -23.17 -37.40 6.00
N LEU C 128 -23.99 -36.40 5.66
CA LEU C 128 -23.52 -35.04 5.28
C LEU C 128 -23.12 -34.25 6.54
N ARG C 129 -23.74 -34.50 7.69
CA ARG C 129 -23.31 -33.91 8.99
C ARG C 129 -21.91 -34.45 9.35
N GLU C 130 -21.69 -35.74 9.15
CA GLU C 130 -20.40 -36.41 9.45
C GLU C 130 -19.35 -35.87 8.49
N GLU C 131 -19.67 -35.65 7.23
CA GLU C 131 -18.70 -35.11 6.23
C GLU C 131 -18.29 -33.70 6.70
N GLU C 132 -19.23 -32.88 7.16
CA GLU C 132 -18.98 -31.50 7.67
C GLU C 132 -18.03 -31.58 8.87
N ARG C 133 -18.28 -32.47 9.82
CA ARG C 133 -17.48 -32.62 11.06
C ARG C 133 -16.08 -33.16 10.72
N ASN C 134 -15.96 -34.12 9.79
CA ASN C 134 -14.65 -34.69 9.38
C ASN C 134 -13.81 -33.60 8.74
N ARG C 135 -14.39 -32.78 7.87
CA ARG C 135 -13.67 -31.65 7.24
C ARG C 135 -13.27 -30.64 8.32
N GLY C 136 -14.14 -30.40 9.32
CA GLY C 136 -13.87 -29.51 10.46
C GLY C 136 -12.67 -29.97 11.25
N ALA C 137 -12.60 -31.26 11.57
CA ALA C 137 -11.50 -31.87 12.36
C ALA C 137 -10.19 -31.73 11.58
N ALA C 138 -10.22 -31.99 10.28
CA ALA C 138 -9.05 -31.90 9.38
C ALA C 138 -8.55 -30.45 9.39
N PHE C 139 -9.44 -29.47 9.26
CA PHE C 139 -9.06 -28.04 9.22
C PHE C 139 -8.55 -27.59 10.60
N ALA C 140 -9.14 -28.08 11.70
CA ALA C 140 -8.73 -27.75 13.10
C ALA C 140 -7.28 -28.17 13.37
N ARG C 141 -6.83 -29.29 12.82
CA ARG C 141 -5.41 -29.71 12.97
C ARG C 141 -4.51 -28.61 12.37
N LEU C 142 -4.87 -27.99 11.25
CA LEU C 142 -4.06 -26.92 10.59
C LEU C 142 -4.19 -25.64 11.42
N LEU C 143 -5.42 -25.28 11.75
CA LEU C 143 -5.75 -24.05 12.51
C LEU C 143 -4.88 -23.97 13.77
N SER C 144 -4.84 -25.04 14.56
CA SER C 144 -4.07 -25.10 15.83
C SER C 144 -2.56 -25.06 15.56
N ASP C 145 -2.09 -25.56 14.42
CA ASP C 145 -0.67 -25.49 14.00
C ASP C 145 -0.34 -24.03 13.63
N TRP C 146 -1.20 -23.37 12.85
CA TRP C 146 -0.98 -21.97 12.39
C TRP C 146 -1.11 -20.98 13.55
N GLN C 147 -2.09 -21.19 14.44
CA GLN C 147 -2.39 -20.30 15.58
C GLN C 147 -2.58 -21.15 16.84
N PRO C 148 -1.48 -21.56 17.53
CA PRO C 148 -1.56 -22.35 18.76
C PRO C 148 -2.37 -21.62 19.86
N ASP C 149 -2.27 -20.30 19.80
CA ASP C 149 -3.18 -19.20 20.18
C ASP C 149 -4.66 -19.62 20.38
N CYS C 150 -5.21 -20.40 19.46
CA CYS C 150 -6.67 -20.70 19.36
C CYS C 150 -7.17 -21.35 20.65
N PRO C 151 -8.08 -20.71 21.42
CA PRO C 151 -8.54 -21.27 22.69
C PRO C 151 -9.28 -22.59 22.51
N PRO C 152 -9.21 -23.51 23.50
CA PRO C 152 -9.85 -24.82 23.35
C PRO C 152 -11.32 -24.79 22.91
N PRO C 153 -12.19 -23.91 23.47
CA PRO C 153 -13.60 -23.86 23.04
C PRO C 153 -13.77 -23.60 21.54
N TRP C 154 -12.90 -22.77 20.95
CA TRP C 154 -12.94 -22.42 19.52
C TRP C 154 -12.40 -23.59 18.70
N ARG C 155 -11.31 -24.24 19.12
CA ARG C 155 -10.79 -25.47 18.46
C ARG C 155 -11.93 -26.50 18.44
N SER C 156 -12.60 -26.69 19.58
CA SER C 156 -13.77 -27.60 19.73
C SER C 156 -14.86 -27.21 18.71
N LEU C 157 -15.19 -25.93 18.60
CA LEU C 157 -16.18 -25.46 17.59
C LEU C 157 -15.65 -25.75 16.16
N CYS C 158 -14.36 -25.52 15.86
CA CYS C 158 -13.81 -25.78 14.49
C CYS C 158 -14.01 -27.25 14.10
N GLN C 159 -13.99 -28.17 15.06
CA GLN C 159 -14.18 -29.62 14.79
C GLN C 159 -15.61 -29.93 14.31
N GLN C 160 -16.55 -29.01 14.55
CA GLN C 160 -17.94 -29.13 14.04
C GLN C 160 -17.97 -28.72 12.56
N SER C 161 -17.23 -27.68 12.17
CA SER C 161 -17.22 -27.17 10.78
C SER C 161 -15.96 -26.39 10.47
N GLN C 162 -15.38 -26.69 9.31
CA GLN C 162 -14.35 -25.90 8.60
C GLN C 162 -14.81 -24.43 8.50
N LEU C 163 -16.11 -24.17 8.37
CA LEU C 163 -16.60 -22.78 8.26
C LEU C 163 -16.30 -22.02 9.55
N ALA C 164 -16.48 -22.63 10.72
CA ALA C 164 -16.23 -21.98 12.03
C ALA C 164 -14.74 -21.74 12.18
N GLY C 165 -13.91 -22.72 11.82
CA GLY C 165 -12.44 -22.58 11.81
C GLY C 165 -11.98 -21.47 10.88
N MET C 166 -12.46 -21.42 9.65
CA MET C 166 -12.08 -20.37 8.68
C MET C 166 -12.42 -18.98 9.23
N ALA C 167 -13.63 -18.85 9.77
CA ALA C 167 -14.22 -17.64 10.40
C ALA C 167 -13.35 -17.15 11.56
N TRP C 168 -12.89 -18.05 12.43
CA TRP C 168 -12.00 -17.71 13.55
C TRP C 168 -10.66 -17.20 12.99
N LEU C 169 -10.14 -17.91 12.00
CA LEU C 169 -8.81 -17.62 11.42
C LEU C 169 -8.87 -16.28 10.68
N GLY C 170 -9.96 -16.04 9.94
CA GLY C 170 -10.21 -14.77 9.22
C GLY C 170 -10.16 -13.61 10.19
N VAL C 171 -10.87 -13.72 11.31
CA VAL C 171 -10.88 -12.63 12.30
C VAL C 171 -9.48 -12.53 12.92
N ARG C 172 -8.87 -13.65 13.29
CA ARG C 172 -7.52 -13.65 13.89
C ARG C 172 -6.52 -12.96 12.96
N TRP C 173 -6.63 -13.17 11.65
CA TRP C 173 -5.72 -12.62 10.63
C TRP C 173 -6.14 -11.21 10.17
N ARG C 174 -7.30 -10.72 10.64
CA ARG C 174 -7.87 -9.38 10.31
C ARG C 174 -8.11 -9.27 8.80
N ILE C 175 -8.61 -10.34 8.20
CA ILE C 175 -9.04 -10.36 6.77
C ILE C 175 -10.54 -10.08 6.77
N ALA C 176 -10.98 -9.10 5.99
CA ALA C 176 -12.40 -8.71 5.81
C ALA C 176 -13.20 -9.94 5.35
N LEU C 177 -14.45 -10.02 5.80
CA LEU C 177 -15.39 -11.12 5.48
C LEU C 177 -15.50 -11.33 3.97
N PRO C 178 -15.69 -10.28 3.13
CA PRO C 178 -15.85 -10.48 1.69
C PRO C 178 -14.60 -11.08 1.04
N GLU C 179 -13.41 -10.75 1.52
CA GLU C 179 -12.14 -11.37 1.05
C GLU C 179 -12.14 -12.88 1.39
N MET C 180 -12.37 -13.28 2.64
CA MET C 180 -12.39 -14.71 3.06
C MET C 180 -13.37 -15.49 2.18
N ALA C 181 -14.53 -14.88 1.92
CA ALA C 181 -15.70 -15.40 1.17
C ALA C 181 -15.33 -15.61 -0.29
N LEU C 182 -14.43 -14.82 -0.89
CA LEU C 182 -13.94 -15.11 -2.28
C LEU C 182 -13.06 -16.36 -2.27
N SER C 183 -12.20 -16.48 -1.27
CA SER C 183 -11.32 -17.67 -1.12
C SER C 183 -12.17 -18.93 -0.90
N LEU C 184 -13.20 -18.87 -0.06
CA LEU C 184 -14.13 -19.98 0.23
C LEU C 184 -14.84 -20.40 -1.06
N GLY C 185 -15.37 -19.40 -1.78
CA GLY C 185 -16.16 -19.64 -3.00
C GLY C 185 -15.29 -20.22 -4.09
N TYR C 186 -14.09 -19.67 -4.28
CA TYR C 186 -13.14 -20.17 -5.30
C TYR C 186 -12.87 -21.64 -5.04
N SER C 187 -12.47 -21.99 -3.82
CA SER C 187 -12.19 -23.38 -3.37
C SER C 187 -13.38 -24.29 -3.68
N TRP C 188 -14.59 -23.87 -3.36
CA TRP C 188 -15.82 -24.68 -3.59
C TRP C 188 -16.04 -24.89 -5.09
N ILE C 189 -15.91 -23.80 -5.87
CA ILE C 189 -16.12 -23.87 -7.36
C ILE C 189 -15.08 -24.83 -7.94
N GLU C 190 -13.81 -24.62 -7.60
CA GLU C 190 -12.72 -25.43 -8.19
C GLU C 190 -12.90 -26.90 -7.80
N SER C 191 -13.27 -27.20 -6.54
CA SER C 191 -13.49 -28.61 -6.11
C SER C 191 -14.60 -29.24 -6.94
N ALA C 192 -15.71 -28.52 -7.16
CA ALA C 192 -16.87 -29.03 -7.90
C ALA C 192 -16.44 -29.35 -9.36
N VAL C 193 -15.66 -28.47 -9.96
CA VAL C 193 -15.21 -28.62 -11.37
C VAL C 193 -14.23 -29.80 -11.49
N MET C 194 -13.26 -29.95 -10.59
CA MET C 194 -12.24 -31.04 -10.64
C MET C 194 -12.90 -32.42 -10.49
N ALA C 195 -14.01 -32.48 -9.74
CA ALA C 195 -14.89 -33.67 -9.56
C ALA C 195 -15.66 -33.93 -10.87
N GLY C 196 -16.19 -32.89 -11.50
CA GLY C 196 -16.85 -32.98 -12.82
C GLY C 196 -15.91 -33.52 -13.87
N VAL C 197 -14.65 -33.09 -13.87
CA VAL C 197 -13.58 -33.59 -14.78
C VAL C 197 -13.62 -35.12 -14.74
N LYS C 198 -13.68 -35.71 -13.55
CA LYS C 198 -13.60 -37.18 -13.37
C LYS C 198 -14.95 -37.82 -13.71
N LEU C 199 -16.07 -37.23 -13.29
CA LEU C 199 -17.39 -37.94 -13.27
C LEU C 199 -18.13 -37.77 -14.60
N VAL C 200 -18.02 -36.64 -15.28
CA VAL C 200 -18.93 -36.37 -16.43
C VAL C 200 -18.58 -37.24 -17.63
N PRO C 201 -17.32 -37.37 -18.10
CA PRO C 201 -16.20 -36.48 -17.74
C PRO C 201 -16.08 -35.31 -18.71
N PHE C 202 -15.12 -34.43 -18.49
CA PHE C 202 -14.66 -33.40 -19.46
C PHE C 202 -13.18 -33.10 -19.20
N GLY C 203 -12.57 -32.29 -20.08
CA GLY C 203 -11.13 -32.10 -20.16
C GLY C 203 -10.64 -30.89 -19.36
N GLN C 204 -9.34 -30.75 -19.25
CA GLN C 204 -8.64 -29.69 -18.48
C GLN C 204 -8.96 -28.30 -19.05
N GLN C 205 -8.99 -28.16 -20.37
CA GLN C 205 -9.29 -26.88 -21.05
C GLN C 205 -10.71 -26.44 -20.71
N ALA C 206 -11.68 -27.35 -20.88
CA ALA C 206 -13.10 -27.08 -20.59
C ALA C 206 -13.25 -26.73 -19.10
N ALA C 207 -12.50 -27.40 -18.23
CA ALA C 207 -12.56 -27.14 -16.76
C ALA C 207 -12.18 -25.68 -16.48
N GLN C 208 -11.11 -25.19 -17.11
CA GLN C 208 -10.62 -23.82 -16.85
C GLN C 208 -11.67 -22.81 -17.31
N GLN C 209 -12.36 -23.04 -18.43
CA GLN C 209 -13.41 -22.11 -18.94
C GLN C 209 -14.60 -22.13 -17.97
N LEU C 210 -14.97 -23.30 -17.46
CA LEU C 210 -16.06 -23.47 -16.47
C LEU C 210 -15.74 -22.65 -15.21
N ILE C 211 -14.54 -22.78 -14.67
CA ILE C 211 -14.12 -22.07 -13.42
C ILE C 211 -14.28 -20.57 -13.68
N LEU C 212 -13.83 -20.09 -14.85
CA LEU C 212 -13.97 -18.66 -15.23
C LEU C 212 -15.44 -18.24 -15.14
N ARG C 213 -16.35 -18.93 -15.83
CA ARG C 213 -17.78 -18.53 -15.88
C ARG C 213 -18.41 -18.68 -14.51
N LEU C 214 -18.08 -19.74 -13.75
CA LEU C 214 -18.69 -19.95 -12.42
C LEU C 214 -18.20 -18.86 -11.46
N CYS C 215 -16.94 -18.43 -11.60
CA CYS C 215 -16.35 -17.33 -10.76
C CYS C 215 -17.06 -16.01 -11.06
N ASP C 216 -17.36 -15.73 -12.32
CA ASP C 216 -18.15 -14.54 -12.71
C ASP C 216 -19.50 -14.53 -11.98
N HIS C 217 -20.22 -15.63 -12.01
CA HIS C 217 -21.54 -15.80 -11.35
C HIS C 217 -21.34 -15.59 -9.84
N TYR C 218 -20.32 -16.25 -9.26
CA TYR C 218 -20.03 -16.12 -7.83
C TYR C 218 -19.77 -14.65 -7.46
N ALA C 219 -18.92 -13.91 -8.19
CA ALA C 219 -18.61 -12.49 -7.88
C ALA C 219 -19.89 -11.63 -7.95
N ALA C 220 -20.77 -11.83 -8.95
CA ALA C 220 -22.00 -11.01 -9.10
C ALA C 220 -22.98 -11.26 -7.93
N GLU C 221 -23.07 -12.50 -7.45
CA GLU C 221 -24.11 -12.93 -6.50
C GLU C 221 -23.61 -12.92 -5.04
N MET C 222 -22.31 -12.93 -4.77
CA MET C 222 -21.82 -13.10 -3.37
C MET C 222 -22.38 -12.01 -2.44
N PRO C 223 -22.30 -10.70 -2.79
CA PRO C 223 -22.69 -9.60 -1.88
C PRO C 223 -24.15 -9.68 -1.41
N ARG C 224 -25.08 -10.00 -2.31
CA ARG C 224 -26.50 -10.27 -1.97
C ARG C 224 -26.56 -11.43 -0.96
N ALA C 225 -25.86 -12.53 -1.23
CA ALA C 225 -25.83 -13.72 -0.34
C ALA C 225 -25.27 -13.32 1.04
N LEU C 226 -24.22 -12.50 1.12
CA LEU C 226 -23.62 -12.07 2.41
C LEU C 226 -24.56 -11.12 3.15
N ALA C 227 -25.44 -10.40 2.44
CA ALA C 227 -26.35 -9.40 3.05
C ALA C 227 -27.70 -10.03 3.42
N ALA C 228 -28.02 -11.25 2.99
CA ALA C 228 -29.39 -11.81 3.15
C ALA C 228 -29.76 -11.88 4.64
N PRO C 229 -31.03 -11.63 5.01
CA PRO C 229 -31.44 -11.69 6.41
C PRO C 229 -31.57 -13.15 6.91
N ASP C 230 -31.62 -13.31 8.24
CA ASP C 230 -31.69 -14.63 8.94
C ASP C 230 -32.84 -15.48 8.39
N GLY C 231 -33.98 -14.86 8.08
CA GLY C 231 -35.19 -15.56 7.59
C GLY C 231 -34.96 -16.27 6.26
N ASP C 232 -33.92 -15.89 5.50
CA ASP C 232 -33.67 -16.40 4.13
C ASP C 232 -32.70 -17.59 4.13
N ILE C 233 -32.16 -18.00 5.29
CA ILE C 233 -31.22 -19.16 5.37
C ILE C 233 -32.05 -20.44 5.25
N MET D 34 -0.67 9.86 -11.26
CA MET D 34 -0.66 10.04 -9.78
C MET D 34 -1.78 11.01 -9.39
N SER D 35 -2.65 10.59 -8.48
CA SER D 35 -3.86 11.34 -8.02
C SER D 35 -3.47 12.71 -7.44
N THR D 36 -4.44 13.62 -7.39
CA THR D 36 -4.27 14.99 -6.83
C THR D 36 -3.92 14.89 -5.33
N ALA D 37 -4.59 14.02 -4.59
CA ALA D 37 -4.31 13.79 -3.15
C ALA D 37 -2.85 13.31 -2.99
N GLU D 38 -2.40 12.35 -3.80
CA GLU D 38 -1.01 11.83 -3.77
C GLU D 38 -0.04 12.99 -4.04
N GLN D 39 -0.33 13.80 -5.07
CA GLN D 39 0.54 14.94 -5.44
C GLN D 39 0.63 15.90 -4.24
N ARG D 40 -0.48 16.18 -3.54
CA ARG D 40 -0.47 17.11 -2.40
C ARG D 40 0.45 16.61 -1.27
N LEU D 41 0.37 15.32 -0.96
CA LEU D 41 1.21 14.70 0.11
C LEU D 41 2.68 14.73 -0.35
N ARG D 42 2.97 14.47 -1.63
CA ARG D 42 4.36 14.53 -2.15
C ARG D 42 4.91 15.94 -1.98
N LEU D 43 4.12 16.97 -2.29
CA LEU D 43 4.58 18.39 -2.18
C LEU D 43 4.89 18.72 -0.71
N MET D 44 4.12 18.23 0.26
CA MET D 44 4.36 18.51 1.70
C MET D 44 5.63 17.78 2.18
N GLN D 45 5.90 16.60 1.62
CA GLN D 45 7.12 15.78 1.87
C GLN D 45 8.34 16.51 1.26
N LEU D 46 8.22 17.09 0.06
CA LEU D 46 9.33 17.87 -0.56
C LEU D 46 9.57 19.18 0.22
N ALA D 47 8.54 19.76 0.83
CA ALA D 47 8.62 21.05 1.56
C ALA D 47 9.17 20.89 2.98
N SER D 48 9.23 19.67 3.50
CA SER D 48 9.37 19.40 4.95
C SER D 48 10.76 19.83 5.44
N SER D 49 10.84 20.46 6.62
CA SER D 49 12.14 20.73 7.30
C SER D 49 12.81 19.38 7.66
N ASN D 50 12.06 18.28 7.65
CA ASN D 50 12.61 16.94 7.98
C ASN D 50 13.28 16.31 6.74
N LEU D 51 13.15 16.89 5.53
CA LEU D 51 13.80 16.30 4.32
C LEU D 51 15.29 16.25 4.62
N PRO D 52 15.98 15.08 4.58
CA PRO D 52 17.35 14.98 5.05
C PRO D 52 18.38 15.53 4.05
N VAL D 53 18.38 16.85 3.86
CA VAL D 53 19.27 17.54 2.87
C VAL D 53 20.29 18.50 3.52
N GLY D 54 19.92 19.39 4.45
CA GLY D 54 20.93 20.13 5.25
C GLY D 54 21.32 21.50 4.68
N GLY D 55 20.91 22.56 5.38
CA GLY D 55 21.21 23.97 5.04
C GLY D 55 20.20 24.55 4.05
N TYR D 56 20.47 25.76 3.56
CA TYR D 56 19.62 26.45 2.55
C TYR D 56 20.49 27.56 1.92
N SER D 57 20.22 27.88 0.65
CA SER D 57 20.86 28.98 -0.12
C SER D 57 20.67 30.32 0.61
N TRP D 58 21.64 31.24 0.44
CA TRP D 58 21.61 32.65 0.96
C TRP D 58 21.74 32.67 2.49
N SER D 59 22.00 31.52 3.13
CA SER D 59 21.99 31.35 4.62
C SER D 59 23.10 32.18 5.27
N GLN D 60 24.29 32.24 4.63
CA GLN D 60 25.50 32.92 5.18
C GLN D 60 25.24 34.44 5.32
N GLY D 61 24.39 35.00 4.49
CA GLY D 61 23.94 36.39 4.68
C GLY D 61 23.60 36.66 6.14
N LEU D 62 22.81 35.79 6.78
CA LEU D 62 22.11 36.05 8.06
C LEU D 62 23.12 36.21 9.21
N GLU D 63 24.05 35.28 9.37
CA GLU D 63 24.97 35.31 10.53
C GLU D 63 25.81 36.60 10.42
N TRP D 64 26.28 36.98 9.22
CA TRP D 64 27.01 38.26 8.97
C TRP D 64 26.13 39.43 9.42
N ALA D 65 24.87 39.45 8.94
CA ALA D 65 23.92 40.55 9.16
C ALA D 65 23.64 40.68 10.66
N VAL D 66 23.55 39.56 11.38
CA VAL D 66 23.30 39.55 12.85
C VAL D 66 24.50 40.17 13.55
N GLU D 67 25.69 39.62 13.31
CA GLU D 67 26.98 40.08 13.90
C GLU D 67 27.19 41.57 13.57
N ALA D 68 26.78 42.01 12.39
CA ALA D 68 27.00 43.41 11.92
C ALA D 68 26.01 44.37 12.58
N GLY D 69 24.93 43.86 13.17
CA GLY D 69 23.93 44.68 13.90
C GLY D 69 22.68 44.99 13.09
N TRP D 70 22.46 44.29 11.97
CA TRP D 70 21.41 44.65 10.98
C TRP D 70 20.11 43.94 11.33
N VAL D 71 20.17 42.86 12.13
CA VAL D 71 18.97 42.05 12.48
C VAL D 71 18.82 41.90 13.99
N PRO D 72 18.52 43.00 14.71
CA PRO D 72 18.33 42.91 16.16
C PRO D 72 17.05 42.21 16.65
N ASP D 73 16.02 42.12 15.80
CA ASP D 73 14.65 41.78 16.24
C ASP D 73 13.84 41.26 15.06
N VAL D 74 12.60 40.86 15.32
CA VAL D 74 11.70 40.18 14.36
C VAL D 74 11.46 41.10 13.15
N ALA D 75 11.20 42.39 13.37
CA ALA D 75 10.90 43.35 12.31
C ALA D 75 12.12 43.44 11.37
N ALA D 76 13.32 43.60 11.92
CA ALA D 76 14.56 43.69 11.13
C ALA D 76 14.84 42.35 10.44
N PHE D 77 14.49 41.22 11.06
CA PHE D 77 14.71 39.90 10.41
C PHE D 77 13.79 39.81 9.17
N GLU D 78 12.55 40.25 9.33
CA GLU D 78 11.56 40.22 8.22
C GLU D 78 12.06 41.08 7.05
N ARG D 79 12.54 42.30 7.32
CA ARG D 79 13.08 43.20 6.28
C ARG D 79 14.24 42.50 5.57
N TRP D 80 15.16 41.94 6.33
CA TRP D 80 16.34 41.24 5.79
C TRP D 80 15.91 40.04 4.93
N GLN D 81 14.94 39.26 5.38
CA GLN D 81 14.55 38.04 4.64
C GLN D 81 13.74 38.40 3.38
N ARG D 82 12.89 39.42 3.44
CA ARG D 82 12.14 39.91 2.24
C ARG D 82 13.17 40.31 1.17
N ARG D 83 14.26 40.99 1.56
CA ARG D 83 15.33 41.41 0.64
C ARG D 83 16.06 40.19 0.08
N GLN D 84 16.42 39.20 0.90
CA GLN D 84 17.05 37.96 0.37
C GLN D 84 16.07 37.25 -0.58
N MET D 85 14.76 37.22 -0.31
CA MET D 85 13.78 36.48 -1.13
C MET D 85 13.67 37.12 -2.53
N THR D 86 13.67 38.45 -2.61
CA THR D 86 13.45 39.26 -3.85
C THR D 86 14.77 39.45 -4.62
N GLU D 87 15.90 39.66 -3.92
CA GLU D 87 17.21 39.94 -4.57
C GLU D 87 18.01 38.65 -4.83
N GLY D 88 17.73 37.54 -4.14
CA GLY D 88 18.48 36.28 -4.28
C GLY D 88 17.59 35.16 -4.83
N PHE D 89 16.61 34.73 -4.03
CA PHE D 89 15.80 33.54 -4.34
C PHE D 89 15.00 33.75 -5.63
N PHE D 90 14.44 34.95 -5.85
CA PHE D 90 13.54 35.23 -6.98
C PHE D 90 14.32 35.66 -8.22
N THR D 91 15.61 35.97 -8.10
CA THR D 91 16.47 36.36 -9.25
C THR D 91 17.37 35.19 -9.62
N VAL D 92 17.60 34.20 -8.75
CA VAL D 92 18.52 33.07 -9.08
C VAL D 92 17.78 31.73 -8.96
N ASP D 93 17.56 31.26 -7.74
CA ASP D 93 17.01 29.91 -7.47
C ASP D 93 15.72 29.67 -8.28
N LEU D 94 14.71 30.53 -8.16
CA LEU D 94 13.38 30.17 -8.72
C LEU D 94 13.43 30.20 -10.25
N PRO D 95 13.99 31.25 -10.90
CA PRO D 95 14.07 31.30 -12.37
C PRO D 95 14.90 30.14 -12.97
N LEU D 96 15.99 29.77 -12.31
CA LEU D 96 16.80 28.63 -12.81
C LEU D 96 16.07 27.31 -12.55
N PHE D 97 15.31 27.20 -11.45
CA PHE D 97 14.45 26.02 -11.21
C PHE D 97 13.41 25.92 -12.34
N ALA D 98 12.80 27.03 -12.73
CA ALA D 98 11.82 27.06 -13.85
C ALA D 98 12.48 26.54 -15.14
N ARG D 99 13.72 26.95 -15.42
CA ARG D 99 14.41 26.57 -16.67
C ARG D 99 14.80 25.09 -16.62
N LEU D 100 15.17 24.59 -15.44
CA LEU D 100 15.52 23.15 -15.29
C LEU D 100 14.24 22.33 -15.48
N TYR D 101 13.11 22.80 -14.96
CA TYR D 101 11.81 22.09 -15.08
C TYR D 101 11.43 22.01 -16.57
N ARG D 102 11.50 23.13 -17.30
CA ARG D 102 11.15 23.22 -18.75
C ARG D 102 12.10 22.33 -19.55
N ALA D 103 13.39 22.32 -19.23
CA ALA D 103 14.37 21.46 -19.91
C ALA D 103 13.99 19.98 -19.71
N CYS D 104 13.63 19.60 -18.49
CA CYS D 104 13.26 18.19 -18.19
C CYS D 104 11.99 17.80 -18.94
N GLU D 105 11.01 18.71 -18.98
CA GLU D 105 9.70 18.52 -19.66
C GLU D 105 9.97 18.23 -21.15
N GLN D 106 10.92 18.95 -21.76
CA GLN D 106 11.29 18.85 -23.20
C GLN D 106 12.27 17.69 -23.44
N GLY D 107 12.73 16.98 -22.41
CA GLY D 107 13.68 15.85 -22.58
C GLY D 107 15.06 16.35 -22.99
N ASP D 108 15.37 17.60 -22.68
CA ASP D 108 16.59 18.32 -23.09
C ASP D 108 17.57 18.33 -21.91
N ILE D 109 18.37 17.25 -21.79
CA ILE D 109 19.44 17.06 -20.77
C ILE D 109 20.57 18.11 -20.97
N ALA D 110 21.00 18.36 -22.21
CA ALA D 110 22.10 19.31 -22.53
C ALA D 110 21.69 20.71 -22.05
N ALA D 111 20.44 21.12 -22.29
CA ALA D 111 19.92 22.41 -21.78
C ALA D 111 19.93 22.42 -20.24
N ALA D 112 19.53 21.31 -19.61
CA ALA D 112 19.49 21.23 -18.13
C ALA D 112 20.93 21.33 -17.59
N GLN D 113 21.89 20.73 -18.30
CA GLN D 113 23.34 20.81 -17.95
C GLN D 113 23.79 22.28 -18.01
N ARG D 114 23.42 23.01 -19.07
CA ARG D 114 23.83 24.42 -19.28
C ARG D 114 23.20 25.28 -18.18
N TRP D 115 21.91 25.13 -17.88
CA TRP D 115 21.25 25.91 -16.80
C TRP D 115 21.86 25.58 -15.44
N THR D 116 22.26 24.32 -15.19
CA THR D 116 22.85 23.95 -13.89
C THR D 116 24.23 24.63 -13.75
N ALA D 117 25.00 24.67 -14.84
CA ALA D 117 26.30 25.39 -14.88
C ALA D 117 26.06 26.87 -14.54
N TYR D 118 25.04 27.51 -15.11
CA TYR D 118 24.80 28.96 -14.85
C TYR D 118 24.45 29.13 -13.36
N LEU D 119 23.64 28.22 -12.82
CA LEU D 119 23.25 28.22 -11.38
C LEU D 119 24.53 28.23 -10.53
N LEU D 120 25.47 27.34 -10.81
CA LEU D 120 26.71 27.22 -9.99
C LEU D 120 27.53 28.50 -10.11
N ALA D 121 27.67 29.07 -11.31
CA ALA D 121 28.38 30.35 -11.51
C ALA D 121 27.67 31.47 -10.74
N CYS D 122 26.34 31.43 -10.60
CA CYS D 122 25.57 32.44 -9.85
C CYS D 122 25.83 32.32 -8.34
N ARG D 123 26.28 31.17 -7.85
CA ARG D 123 26.78 31.00 -6.46
C ARG D 123 28.26 31.40 -6.52
N GLU D 124 28.57 32.69 -6.55
CA GLU D 124 29.94 33.22 -6.89
C GLU D 124 31.12 32.51 -6.17
N THR D 125 31.00 32.24 -4.88
CA THR D 125 32.06 31.67 -4.00
C THR D 125 32.29 30.18 -4.33
N ARG D 126 33.52 29.70 -4.15
CA ARG D 126 33.87 28.26 -4.11
C ARG D 126 33.02 27.54 -3.05
N GLU D 127 32.99 28.08 -1.83
CA GLU D 127 32.29 27.51 -0.65
C GLU D 127 30.81 27.31 -0.94
N LEU D 128 30.15 28.28 -1.59
CA LEU D 128 28.68 28.25 -1.87
C LEU D 128 28.37 27.29 -3.04
N ARG D 129 29.29 27.13 -4.00
CA ARG D 129 29.18 26.10 -5.06
C ARG D 129 29.24 24.70 -4.43
N GLU D 130 30.16 24.48 -3.49
CA GLU D 130 30.33 23.20 -2.76
C GLU D 130 29.07 22.94 -1.93
N GLU D 131 28.49 23.95 -1.29
CA GLU D 131 27.25 23.75 -0.49
C GLU D 131 26.12 23.32 -1.41
N GLU D 132 26.01 23.91 -2.60
CA GLU D 132 24.98 23.59 -3.63
C GLU D 132 25.16 22.11 -4.04
N ARG D 133 26.40 21.68 -4.30
CA ARG D 133 26.72 20.29 -4.73
C ARG D 133 26.45 19.30 -3.59
N ASN D 134 26.78 19.64 -2.35
CA ASN D 134 26.54 18.77 -1.17
C ASN D 134 25.04 18.55 -1.01
N ARG D 135 24.23 19.60 -1.15
CA ARG D 135 22.76 19.50 -1.05
C ARG D 135 22.27 18.63 -2.21
N GLY D 136 22.86 18.77 -3.40
CA GLY D 136 22.51 17.98 -4.60
C GLY D 136 22.75 16.50 -4.36
N ALA D 137 23.92 16.13 -3.83
CA ALA D 137 24.30 14.74 -3.53
C ALA D 137 23.33 14.14 -2.50
N ALA D 138 22.99 14.90 -1.46
CA ALA D 138 22.05 14.47 -0.41
C ALA D 138 20.67 14.18 -1.05
N PHE D 139 20.18 15.07 -1.91
CA PHE D 139 18.85 14.90 -2.54
C PHE D 139 18.88 13.73 -3.53
N ALA D 140 19.98 13.54 -4.26
CA ALA D 140 20.16 12.45 -5.26
C ALA D 140 20.04 11.07 -4.60
N ARG D 141 20.54 10.90 -3.37
CA ARG D 141 20.37 9.63 -2.62
C ARG D 141 18.86 9.33 -2.47
N LEU D 142 18.01 10.32 -2.21
CA LEU D 142 16.53 10.12 -2.03
C LEU D 142 15.90 9.89 -3.41
N LEU D 143 16.24 10.74 -4.38
CA LEU D 143 15.68 10.72 -5.74
C LEU D 143 15.79 9.30 -6.32
N SER D 144 16.97 8.70 -6.25
CA SER D 144 17.22 7.37 -6.86
C SER D 144 16.48 6.28 -6.06
N ASP D 145 16.27 6.49 -4.75
CA ASP D 145 15.46 5.56 -3.90
C ASP D 145 13.99 5.65 -4.31
N TRP D 146 13.45 6.86 -4.48
CA TRP D 146 12.03 7.10 -4.84
C TRP D 146 11.75 6.65 -6.27
N GLN D 147 12.66 6.92 -7.20
CA GLN D 147 12.51 6.64 -8.64
C GLN D 147 13.79 6.00 -9.17
N PRO D 148 14.01 4.68 -8.97
CA PRO D 148 15.19 3.98 -9.48
C PRO D 148 15.32 4.11 -11.01
N ASP D 149 14.16 4.21 -11.64
CA ASP D 149 13.76 4.89 -12.91
C ASP D 149 14.75 5.95 -13.43
N CYS D 150 15.25 6.82 -12.55
CA CYS D 150 16.00 8.06 -12.90
C CYS D 150 17.26 7.72 -13.69
N PRO D 151 17.38 8.15 -14.97
CA PRO D 151 18.54 7.81 -15.78
C PRO D 151 19.84 8.39 -15.23
N PRO D 152 20.98 7.71 -15.41
CA PRO D 152 22.26 8.16 -14.87
C PRO D 152 22.60 9.62 -15.17
N PRO D 153 22.41 10.15 -16.40
CA PRO D 153 22.70 11.56 -16.69
C PRO D 153 21.97 12.53 -15.77
N TRP D 154 20.71 12.23 -15.44
CA TRP D 154 19.90 13.07 -14.52
C TRP D 154 20.36 12.91 -13.08
N ARG D 155 20.64 11.69 -12.63
CA ARG D 155 21.23 11.46 -11.27
C ARG D 155 22.50 12.29 -11.15
N SER D 156 23.36 12.22 -12.17
CA SER D 156 24.65 12.96 -12.26
C SER D 156 24.35 14.46 -12.17
N LEU D 157 23.37 14.96 -12.92
CA LEU D 157 22.99 16.40 -12.84
C LEU D 157 22.46 16.73 -11.45
N CYS D 158 21.64 15.87 -10.82
CA CYS D 158 21.09 16.15 -9.46
C CYS D 158 22.23 16.35 -8.45
N GLN D 159 23.38 15.70 -8.64
CA GLN D 159 24.53 15.84 -7.70
C GLN D 159 25.16 17.24 -7.80
N GLN D 160 24.88 17.98 -8.87
CA GLN D 160 25.30 19.40 -9.03
C GLN D 160 24.36 20.29 -8.21
N SER D 161 23.06 20.02 -8.24
CA SER D 161 22.03 20.84 -7.54
C SER D 161 20.76 20.03 -7.29
N GLN D 162 20.28 20.11 -6.05
CA GLN D 162 18.94 19.73 -5.59
C GLN D 162 17.89 20.32 -6.55
N LEU D 163 18.12 21.50 -7.12
CA LEU D 163 17.10 22.11 -8.02
C LEU D 163 16.88 21.23 -9.26
N ALA D 164 17.94 20.64 -9.82
CA ALA D 164 17.87 19.77 -11.01
C ALA D 164 17.15 18.47 -10.63
N GLY D 165 17.47 17.91 -9.47
CA GLY D 165 16.77 16.73 -8.91
C GLY D 165 15.28 17.01 -8.71
N MET D 166 14.92 18.12 -8.04
CA MET D 166 13.51 18.51 -7.79
C MET D 166 12.75 18.59 -9.11
N ALA D 167 13.34 19.27 -10.09
CA ALA D 167 12.85 19.53 -11.47
C ALA D 167 12.57 18.21 -12.19
N TRP D 168 13.48 17.25 -12.12
CA TRP D 168 13.25 15.92 -12.75
C TRP D 168 12.09 15.22 -12.06
N LEU D 169 12.07 15.27 -10.74
CA LEU D 169 11.05 14.57 -9.91
C LEU D 169 9.67 15.19 -10.16
N GLY D 170 9.60 16.52 -10.24
CA GLY D 170 8.38 17.28 -10.57
C GLY D 170 7.80 16.82 -11.89
N VAL D 171 8.62 16.74 -12.91
CA VAL D 171 8.16 16.29 -14.25
C VAL D 171 7.77 14.82 -14.14
N ARG D 172 8.58 13.98 -13.51
CA ARG D 172 8.30 12.53 -13.37
C ARG D 172 6.94 12.33 -12.67
N TRP D 173 6.63 13.14 -11.67
CA TRP D 173 5.40 13.03 -10.85
C TRP D 173 4.24 13.80 -11.49
N ARG D 174 4.48 14.53 -12.59
CA ARG D 174 3.45 15.29 -13.36
C ARG D 174 2.85 16.39 -12.46
N ILE D 175 3.68 17.03 -11.65
CA ILE D 175 3.28 18.18 -10.80
C ILE D 175 3.65 19.45 -11.56
N ALA D 176 2.68 20.37 -11.70
CA ALA D 176 2.87 21.67 -12.38
C ALA D 176 4.00 22.46 -11.71
N LEU D 177 4.76 23.21 -12.51
CA LEU D 177 5.89 24.04 -12.06
C LEU D 177 5.49 24.96 -10.90
N PRO D 178 4.37 25.71 -10.98
CA PRO D 178 3.98 26.63 -9.92
C PRO D 178 3.74 25.92 -8.57
N GLU D 179 3.21 24.71 -8.59
CA GLU D 179 3.05 23.87 -7.37
C GLU D 179 4.42 23.52 -6.78
N MET D 180 5.34 22.95 -7.56
CA MET D 180 6.70 22.57 -7.08
C MET D 180 7.37 23.79 -6.42
N ALA D 181 7.19 24.95 -7.04
CA ALA D 181 7.76 26.29 -6.70
C ALA D 181 7.22 26.78 -5.37
N LEU D 182 5.98 26.46 -4.99
CA LEU D 182 5.45 26.79 -3.65
C LEU D 182 6.14 25.90 -2.61
N SER D 183 6.33 24.63 -2.92
CA SER D 183 7.00 23.67 -2.01
C SER D 183 8.47 24.10 -1.81
N LEU D 184 9.16 24.51 -2.86
CA LEU D 184 10.57 25.01 -2.83
C LEU D 184 10.63 26.25 -1.93
N GLY D 185 9.71 27.19 -2.17
CA GLY D 185 9.68 28.47 -1.47
C GLY D 185 9.35 28.29 -0.01
N TYR D 186 8.35 27.46 0.30
CA TYR D 186 7.94 27.18 1.69
C TYR D 186 9.16 26.63 2.45
N SER D 187 9.80 25.60 1.93
CA SER D 187 11.04 25.00 2.51
C SER D 187 12.12 26.07 2.77
N TRP D 188 12.36 26.94 1.81
CA TRP D 188 13.39 28.02 1.94
C TRP D 188 12.96 29.00 3.03
N ILE D 189 11.70 29.41 3.04
CA ILE D 189 11.18 30.38 4.04
C ILE D 189 11.32 29.75 5.43
N GLU D 190 10.84 28.52 5.59
CA GLU D 190 10.86 27.87 6.92
C GLU D 190 12.31 27.69 7.39
N SER D 191 13.24 27.28 6.52
CA SER D 191 14.67 27.12 6.89
C SER D 191 15.23 28.47 7.37
N ALA D 192 14.92 29.57 6.67
CA ALA D 192 15.48 30.90 7.01
C ALA D 192 14.94 31.32 8.39
N VAL D 193 13.67 31.05 8.66
CA VAL D 193 13.02 31.43 9.95
C VAL D 193 13.61 30.59 11.10
N MET D 194 13.78 29.28 10.93
CA MET D 194 14.28 28.37 12.01
C MET D 194 15.73 28.71 12.38
N ALA D 195 16.51 29.21 11.42
CA ALA D 195 17.89 29.76 11.57
C ALA D 195 17.82 31.10 12.33
N GLY D 196 16.87 31.96 11.98
CA GLY D 196 16.62 33.23 12.70
C GLY D 196 16.28 32.99 14.17
N VAL D 197 15.44 31.97 14.44
CA VAL D 197 15.09 31.55 15.83
C VAL D 197 16.38 31.44 16.63
N LYS D 198 17.40 30.78 16.07
CA LYS D 198 18.67 30.52 16.80
C LYS D 198 19.53 31.78 16.83
N LEU D 199 19.64 32.52 15.72
CA LEU D 199 20.70 33.55 15.55
C LEU D 199 20.27 34.91 16.10
N VAL D 200 18.99 35.28 16.01
CA VAL D 200 18.59 36.68 16.31
C VAL D 200 18.69 36.97 17.80
N PRO D 201 18.14 36.16 18.74
CA PRO D 201 17.16 35.10 18.47
C PRO D 201 15.72 35.63 18.56
N PHE D 202 14.74 34.78 18.30
CA PHE D 202 13.30 35.04 18.61
C PHE D 202 12.63 33.67 18.88
N GLY D 203 11.38 33.69 19.32
CA GLY D 203 10.71 32.50 19.88
C GLY D 203 9.82 31.82 18.84
N GLN D 204 9.20 30.72 19.25
CA GLN D 204 8.40 29.82 18.37
C GLN D 204 7.15 30.52 17.87
N GLN D 205 6.50 31.28 18.73
CA GLN D 205 5.26 32.03 18.38
C GLN D 205 5.61 33.07 17.31
N ALA D 206 6.65 33.86 17.55
CA ALA D 206 7.09 34.92 16.61
C ALA D 206 7.48 34.26 15.29
N ALA D 207 8.12 33.09 15.32
CA ALA D 207 8.52 32.34 14.10
C ALA D 207 7.29 32.03 13.25
N GLN D 208 6.22 31.55 13.86
CA GLN D 208 5.00 31.16 13.10
C GLN D 208 4.40 32.39 12.43
N GLN D 209 4.38 33.56 13.09
CA GLN D 209 3.81 34.79 12.49
C GLN D 209 4.70 35.24 11.31
N LEU D 210 6.02 35.13 11.45
CA LEU D 210 6.99 35.46 10.39
C LEU D 210 6.77 34.59 9.15
N ILE D 211 6.62 33.27 9.34
CA ILE D 211 6.41 32.31 8.23
C ILE D 211 5.14 32.76 7.48
N LEU D 212 4.08 33.09 8.22
CA LEU D 212 2.81 33.56 7.63
C LEU D 212 3.07 34.76 6.73
N ARG D 213 3.69 35.82 7.25
CA ARG D 213 3.90 37.08 6.49
C ARG D 213 4.87 36.83 5.33
N LEU D 214 5.91 36.01 5.51
CA LEU D 214 6.89 35.78 4.41
C LEU D 214 6.23 34.93 3.32
N CYS D 215 5.32 34.02 3.69
CA CYS D 215 4.52 33.21 2.71
C CYS D 215 3.60 34.14 1.90
N ASP D 216 2.97 35.12 2.55
CA ASP D 216 2.12 36.12 1.84
C ASP D 216 2.96 36.83 0.77
N HIS D 217 4.13 37.33 1.14
CA HIS D 217 5.04 38.04 0.21
C HIS D 217 5.47 37.08 -0.92
N TYR D 218 5.82 35.84 -0.57
CA TYR D 218 6.20 34.82 -1.57
C TYR D 218 5.05 34.58 -2.56
N ALA D 219 3.81 34.38 -2.11
CA ALA D 219 2.64 34.16 -2.98
C ALA D 219 2.41 35.36 -3.92
N ALA D 220 2.53 36.60 -3.45
CA ALA D 220 2.30 37.81 -4.26
C ALA D 220 3.37 37.94 -5.37
N GLU D 221 4.61 37.56 -5.08
CA GLU D 221 5.77 37.85 -5.94
C GLU D 221 6.16 36.63 -6.79
N MET D 222 5.74 35.40 -6.48
CA MET D 222 6.26 34.21 -7.20
C MET D 222 5.98 34.28 -8.70
N PRO D 223 4.74 34.59 -9.14
CA PRO D 223 4.36 34.58 -10.55
C PRO D 223 5.23 35.47 -11.46
N ARG D 224 5.54 36.68 -10.99
CA ARG D 224 6.46 37.60 -11.69
C ARG D 224 7.84 36.94 -11.78
N ALA D 225 8.35 36.37 -10.68
CA ALA D 225 9.66 35.66 -10.66
C ALA D 225 9.65 34.50 -11.64
N LEU D 226 8.57 33.70 -11.72
CA LEU D 226 8.51 32.55 -12.65
C LEU D 226 8.43 33.02 -14.11
N ALA D 227 7.90 34.22 -14.35
CA ALA D 227 7.71 34.75 -15.72
C ALA D 227 8.94 35.56 -16.20
N ALA D 228 9.90 35.89 -15.33
CA ALA D 228 10.98 36.84 -15.69
C ALA D 228 11.78 36.30 -16.89
N PRO D 229 12.23 37.17 -17.82
CA PRO D 229 13.05 36.75 -18.93
C PRO D 229 14.50 36.40 -18.52
N ASP D 230 15.21 35.69 -19.40
CA ASP D 230 16.62 35.24 -19.22
C ASP D 230 17.51 36.41 -18.79
N GLY D 231 17.30 37.60 -19.35
CA GLY D 231 18.09 38.82 -19.06
C GLY D 231 18.05 39.24 -17.60
N ASP D 232 17.06 38.79 -16.84
CA ASP D 232 16.81 39.23 -15.43
C ASP D 232 17.45 38.28 -14.42
N ILE D 233 18.05 37.16 -14.85
CA ILE D 233 18.69 36.19 -13.90
C ILE D 233 20.03 36.78 -13.45
#